data_8BLQ
#
_entry.id   8BLQ
#
_cell.length_a   1.00
_cell.length_b   1.00
_cell.length_c   1.00
_cell.angle_alpha   90.00
_cell.angle_beta   90.00
_cell.angle_gamma   90.00
#
_symmetry.space_group_name_H-M   'P 1'
#
loop_
_entity.id
_entity.type
_entity.pdbx_description
1 polymer 'CODV-Fab, heavy chain'
2 polymer 'CODV-Fab, light chain'
3 polymer 'RefAb, light chain'
4 polymer 'Interleukin-13, human'
5 polymer 'RefAb, heavy chain'
#
loop_
_entity_poly.entity_id
_entity_poly.type
_entity_poly.pdbx_seq_one_letter_code
_entity_poly.pdbx_strand_id
1 'polypeptide(L)'
;VQLQQSGPELVKPGASVKISCKASGYSFTSYWIHWIKQRPGQGLEWIGMIDPSDGETRLNQRFQGRATLTVDESTSTAYM
QLRSPTSEDSAVYYCTRLKEYGNYDSFYFDVWGAGTLVTVSSGEVQLKESGPGLVAPGGSLSITCTVSGFSLTDSSINWV
RQPPGKGLEWLGMIWGDGRIDYADALKSRLSISKDSSKSQVFLEMTSLRTDDTATYYCARDGYFPYAMDFWGQGTSVTVS
SGGASTKGPSVFPLAPSSKSTSGGTAALGCLVKDYFPEPVTVSWNSGALTSGVHTFPAVLQSSGLYSLSSVVTVPSSSLG
TQTYICNVNHKPSNTKVDKKVEP
;
A
2 'polypeptide(L)'
;DIVLTQSPASLAVSLGQRATISCRASESVDSYGQSYMHWYQQKAGQPPKLLIYLASNLESGVPARFSGSGSRTDFTLTID
PVQAEDAATYYCQQNAEDSRTFGGGTKLEIKGGGGGGGDIQMTQSPASLSVSVGDTITLTCHASQNIDVWLSWFQQKPGN
IPKLLIYKASNLHTGVPSRFSGSGSGTGFTLTISSLQPEDIATYYCQQAHSYPFTFGGGTKLEIKGGGGGRTVAAPSVFI
FPPSDEQLKSGTASVVCLLNNFYPREAKVQWKVDNALQSGNSQESVTEQDSKDSTYSLSSTLTLSKADYEKHKVYACEVT
HQGLSSPVTKSFNR
;
B
3 'polypeptide(L)'
;YVLTQPPSVSVAPGKTARITCGGNIIGSKLVHWYQQKPGQAPVLVIYDDGDRPSGIPERFSGSNSGNTATLTISRVEAGD
EADYYCQVWDTGSDPVVFGGGTKLTVLGQPKAAPSVTLFPPSSEELQANKATLVCLISDFYPGAVTVAWKADSSPVKAGV
ETTTPSKQSNNKYAASSYLSLTPEQWKSHRSYSCQVTHEGSTVEKTVAPTEC
;
C
4 'polypeptide(L)'
;PPSTALRELIEELVNITQNQKAPLCNGSMVWSINLTAGMYCAALESLINVSGCSAIEKTQRMLSGFCPHKVSAGQFSSLH
VRDTKIEVAQFVKDLLLHLKKLFREGQFN
;
D
5 'polypeptide(L)'
;VQLVQSGAEVKKPGASVKVSCKASGYTFTNYGLSWVRQAPGQGLEWMGWISANNGDTNYGQEFQGRVTMTTDTSTSTAYM
ELRSLRSDDTAVYYCARDSSSSWARWFFDLWGRGTLVTVSSASTKGPSVFPLAPSSKSTSGGTAALGCLVKDYFPEPVTV
SWNSGALTSGVHTFPAVLQSSGLYSLSSVVTVPSSSLGTQTYICNVNHKPSNTKVDKKVEPK
;
E
#
# COMPACT_ATOMS: atom_id res chain seq x y z
N VAL A 1 -57.17 -2.44 21.14
CA VAL A 1 -57.49 -3.22 19.95
C VAL A 1 -56.74 -2.68 18.74
N GLN A 2 -55.82 -1.75 18.99
CA GLN A 2 -55.01 -1.13 17.96
C GLN A 2 -53.53 -1.21 18.34
N LEU A 3 -52.68 -0.66 17.47
CA LEU A 3 -51.24 -0.69 17.67
C LEU A 3 -50.67 0.69 17.36
N GLN A 4 -49.83 1.19 18.27
CA GLN A 4 -49.17 2.48 18.09
C GLN A 4 -47.76 2.20 17.55
N GLN A 5 -47.62 2.33 16.23
CA GLN A 5 -46.33 2.11 15.59
C GLN A 5 -45.50 3.38 15.58
N SER A 6 -44.19 3.22 15.39
CA SER A 6 -43.31 4.37 15.31
C SER A 6 -43.40 5.02 13.93
N GLY A 7 -42.53 5.99 13.68
CA GLY A 7 -42.53 6.72 12.44
C GLY A 7 -41.32 6.45 11.59
N PRO A 8 -40.83 7.48 10.90
CA PRO A 8 -39.66 7.31 10.03
C PRO A 8 -38.41 6.99 10.84
N GLU A 9 -37.64 6.02 10.35
CA GLU A 9 -36.41 5.58 11.01
C GLU A 9 -35.31 5.52 9.96
N LEU A 10 -34.43 6.52 9.96
CA LEU A 10 -33.31 6.54 9.04
C LEU A 10 -32.25 5.55 9.49
N VAL A 11 -31.85 4.65 8.59
CA VAL A 11 -30.93 3.57 8.91
C VAL A 11 -29.69 3.69 8.05
N LYS A 12 -28.53 3.50 8.66
CA LYS A 12 -27.24 3.52 7.99
C LYS A 12 -26.83 2.11 7.60
N PRO A 13 -25.89 1.96 6.68
CA PRO A 13 -25.41 0.62 6.32
C PRO A 13 -24.77 -0.07 7.52
N GLY A 14 -25.26 -1.26 7.83
CA GLY A 14 -24.80 -2.00 8.99
C GLY A 14 -25.37 -1.54 10.31
N ALA A 15 -26.17 -0.47 10.32
CA ALA A 15 -26.74 0.05 11.56
C ALA A 15 -27.90 -0.85 12.00
N SER A 16 -27.76 -1.47 13.17
CA SER A 16 -28.81 -2.34 13.71
C SER A 16 -29.90 -1.46 14.31
N VAL A 17 -30.80 -1.00 13.43
CA VAL A 17 -31.90 -0.14 13.87
C VAL A 17 -32.90 -0.96 14.69
N LYS A 18 -33.57 -0.28 15.62
CA LYS A 18 -34.59 -0.88 16.48
C LYS A 18 -35.77 0.06 16.55
N ILE A 19 -36.84 -0.27 15.84
CA ILE A 19 -38.04 0.54 15.78
C ILE A 19 -38.93 0.19 16.96
N SER A 20 -39.90 1.06 17.22
CA SER A 20 -40.84 0.89 18.32
C SER A 20 -42.24 0.62 17.78
N CYS A 21 -43.04 -0.09 18.58
CA CYS A 21 -44.42 -0.37 18.23
C CYS A 21 -45.15 -0.77 19.50
N LYS A 22 -46.14 0.02 19.90
CA LYS A 22 -46.83 -0.13 21.17
C LYS A 22 -48.26 -0.61 20.97
N ALA A 23 -48.69 -1.51 21.85
CA ALA A 23 -50.06 -2.01 21.87
C ALA A 23 -50.89 -1.27 22.92
N SER A 24 -52.19 -1.26 22.72
CA SER A 24 -53.12 -0.62 23.64
C SER A 24 -54.52 -1.16 23.38
N GLY A 25 -55.36 -1.12 24.42
CA GLY A 25 -56.74 -1.53 24.31
C GLY A 25 -57.00 -3.01 24.55
N TYR A 26 -55.97 -3.78 24.88
CA TYR A 26 -56.10 -5.21 25.13
C TYR A 26 -54.82 -5.69 25.80
N SER A 27 -54.70 -7.00 25.99
CA SER A 27 -53.52 -7.60 26.61
C SER A 27 -52.51 -7.93 25.52
N PHE A 28 -51.37 -7.25 25.55
CA PHE A 28 -50.36 -7.41 24.52
C PHE A 28 -49.79 -8.82 24.50
N THR A 29 -49.81 -9.51 25.64
CA THR A 29 -49.15 -10.80 25.80
C THR A 29 -50.11 -11.98 25.63
N SER A 30 -51.07 -11.87 24.72
CA SER A 30 -52.04 -12.92 24.50
C SER A 30 -51.88 -13.67 23.19
N TYR A 31 -51.63 -12.97 22.08
CA TYR A 31 -51.58 -13.60 20.76
C TYR A 31 -50.24 -13.35 20.10
N TRP A 32 -49.87 -14.23 19.18
CA TRP A 32 -48.58 -14.16 18.50
C TRP A 32 -48.43 -12.85 17.74
N ILE A 33 -47.44 -12.05 18.15
CA ILE A 33 -47.15 -10.80 17.44
C ILE A 33 -46.61 -11.14 16.06
N HIS A 34 -47.31 -10.69 15.03
CA HIS A 34 -46.94 -10.97 13.65
C HIS A 34 -46.25 -9.77 13.03
N TRP A 35 -45.30 -10.06 12.13
CA TRP A 35 -44.54 -9.03 11.44
C TRP A 35 -44.69 -9.22 9.93
N ILE A 36 -45.06 -8.14 9.26
CA ILE A 36 -45.32 -8.15 7.82
C ILE A 36 -44.69 -6.91 7.21
N LYS A 37 -43.75 -7.11 6.28
CA LYS A 37 -43.11 -6.00 5.59
C LYS A 37 -44.00 -5.50 4.46
N GLN A 38 -44.20 -4.19 4.41
CA GLN A 38 -45.03 -3.61 3.35
C GLN A 38 -44.33 -3.72 2.00
N ARG A 39 -43.17 -3.07 1.87
CA ARG A 39 -42.43 -3.00 0.60
C ARG A 39 -43.35 -2.49 -0.50
N PRO A 40 -43.69 -1.21 -0.50
CA PRO A 40 -44.65 -0.71 -1.50
C PRO A 40 -44.18 -0.85 -2.94
N GLY A 41 -42.87 -0.80 -3.18
CA GLY A 41 -42.37 -0.92 -4.54
C GLY A 41 -42.41 -2.32 -5.12
N GLN A 42 -42.78 -3.32 -4.32
CA GLN A 42 -42.82 -4.70 -4.76
C GLN A 42 -44.19 -5.35 -4.60
N GLY A 43 -44.91 -5.02 -3.54
CA GLY A 43 -46.16 -5.69 -3.24
C GLY A 43 -46.40 -5.83 -1.76
N LEU A 44 -46.58 -7.06 -1.29
CA LEU A 44 -46.75 -7.35 0.13
C LEU A 44 -45.93 -8.57 0.48
N GLU A 45 -45.18 -8.50 1.59
CA GLU A 45 -44.24 -9.55 1.94
C GLU A 45 -44.40 -9.91 3.40
N TRP A 46 -43.81 -11.04 3.79
CA TRP A 46 -43.89 -11.56 5.15
C TRP A 46 -42.54 -11.44 5.84
N ILE A 47 -42.57 -11.42 7.17
CA ILE A 47 -41.36 -11.33 7.98
C ILE A 47 -41.23 -12.52 8.92
N GLY A 48 -42.25 -12.80 9.72
CA GLY A 48 -42.19 -13.87 10.68
C GLY A 48 -43.30 -13.71 11.71
N MET A 49 -43.22 -14.54 12.75
CA MET A 49 -44.20 -14.52 13.82
C MET A 49 -43.48 -14.80 15.14
N ILE A 50 -44.04 -14.26 16.22
CA ILE A 50 -43.46 -14.43 17.55
C ILE A 50 -44.54 -14.23 18.61
N ASP A 51 -44.59 -15.11 19.60
CA ASP A 51 -45.54 -14.99 20.69
C ASP A 51 -44.90 -14.26 21.85
N PRO A 52 -45.47 -13.15 22.32
CA PRO A 52 -44.85 -12.42 23.44
C PRO A 52 -44.92 -13.16 24.77
N SER A 53 -45.64 -14.28 24.84
CA SER A 53 -45.71 -15.05 26.09
C SER A 53 -44.49 -15.91 26.32
N ASP A 54 -43.74 -16.26 25.27
CA ASP A 54 -42.53 -17.05 25.41
C ASP A 54 -41.34 -16.49 24.64
N GLY A 55 -41.55 -15.60 23.68
CA GLY A 55 -40.47 -15.01 22.92
C GLY A 55 -39.96 -15.82 21.76
N GLU A 56 -40.47 -17.04 21.56
CA GLU A 56 -40.04 -17.85 20.43
C GLU A 56 -40.53 -17.24 19.12
N THR A 57 -39.61 -17.14 18.15
CA THR A 57 -39.89 -16.49 16.88
C THR A 57 -39.70 -17.49 15.74
N ARG A 58 -40.60 -17.44 14.76
CA ARG A 58 -40.45 -18.23 13.53
C ARG A 58 -40.25 -17.25 12.38
N LEU A 59 -38.99 -16.87 12.17
CA LEU A 59 -38.65 -15.87 11.18
C LEU A 59 -38.66 -16.48 9.77
N ASN A 60 -38.69 -15.59 8.77
CA ASN A 60 -38.66 -16.02 7.38
C ASN A 60 -37.25 -16.50 7.01
N GLN A 61 -37.12 -16.95 5.76
CA GLN A 61 -35.83 -17.41 5.27
C GLN A 61 -34.81 -16.28 5.24
N ARG A 62 -35.14 -15.19 4.53
CA ARG A 62 -34.21 -14.08 4.42
C ARG A 62 -34.07 -13.34 5.74
N PHE A 63 -35.11 -13.35 6.57
CA PHE A 63 -35.11 -12.63 7.83
C PHE A 63 -34.80 -13.52 9.03
N GLN A 64 -34.24 -14.71 8.78
CA GLN A 64 -33.92 -15.61 9.89
C GLN A 64 -32.79 -15.05 10.74
N GLY A 65 -31.67 -14.70 10.12
CA GLY A 65 -30.53 -14.17 10.83
C GLY A 65 -30.39 -12.66 10.70
N ARG A 66 -30.82 -12.13 9.55
CA ARG A 66 -30.71 -10.69 9.33
C ARG A 66 -31.62 -9.90 10.26
N ALA A 67 -32.82 -10.42 10.54
CA ALA A 67 -33.78 -9.74 11.40
C ALA A 67 -33.77 -10.34 12.79
N THR A 68 -34.18 -9.52 13.76
CA THR A 68 -34.23 -9.93 15.17
C THR A 68 -35.43 -9.23 15.81
N LEU A 69 -36.48 -10.00 16.08
CA LEU A 69 -37.67 -9.47 16.72
C LEU A 69 -37.48 -9.40 18.23
N THR A 70 -38.40 -8.70 18.89
CA THR A 70 -38.39 -8.57 20.34
C THR A 70 -39.82 -8.33 20.82
N VAL A 71 -40.12 -8.85 22.01
CA VAL A 71 -41.44 -8.72 22.61
C VAL A 71 -41.24 -8.39 24.08
N ASP A 72 -41.63 -7.18 24.48
CA ASP A 72 -41.53 -6.74 25.87
C ASP A 72 -42.90 -6.81 26.51
N GLU A 73 -43.12 -7.79 27.38
CA GLU A 73 -44.40 -7.95 28.06
C GLU A 73 -44.53 -7.05 29.29
N SER A 74 -43.53 -6.23 29.59
CA SER A 74 -43.57 -5.35 30.75
C SER A 74 -43.81 -3.89 30.40
N THR A 75 -43.64 -3.50 29.13
CA THR A 75 -43.85 -2.11 28.73
C THR A 75 -44.64 -1.98 27.44
N SER A 76 -45.13 -3.09 26.87
CA SER A 76 -45.92 -3.10 25.63
C SER A 76 -45.16 -2.40 24.49
N THR A 77 -44.02 -3.01 24.15
CA THR A 77 -43.18 -2.50 23.08
C THR A 77 -42.53 -3.67 22.37
N ALA A 78 -42.58 -3.66 21.03
CA ALA A 78 -42.01 -4.71 20.21
C ALA A 78 -40.85 -4.12 19.41
N TYR A 79 -39.63 -4.47 19.79
CA TYR A 79 -38.45 -3.98 19.09
C TYR A 79 -38.16 -4.83 17.86
N MET A 80 -37.75 -4.15 16.79
CA MET A 80 -37.33 -4.79 15.55
C MET A 80 -35.84 -4.48 15.38
N GLN A 81 -35.00 -5.35 15.93
CA GLN A 81 -33.55 -5.13 15.92
C GLN A 81 -32.88 -5.82 14.74
N LEU A 82 -33.32 -5.47 13.53
CA LEU A 82 -32.69 -6.02 12.34
C LEU A 82 -31.28 -5.45 12.19
N ARG A 83 -30.34 -6.33 11.83
CA ARG A 83 -28.95 -5.95 11.69
C ARG A 83 -28.47 -6.32 10.29
N SER A 84 -27.41 -5.63 9.85
CA SER A 84 -26.85 -5.77 8.51
C SER A 84 -27.93 -5.61 7.46
N PRO A 85 -28.47 -4.40 7.26
CA PRO A 85 -29.54 -4.21 6.29
C PRO A 85 -29.01 -3.96 4.88
N THR A 86 -29.89 -4.17 3.92
CA THR A 86 -29.59 -3.96 2.51
C THR A 86 -30.48 -2.87 1.95
N SER A 87 -30.23 -2.52 0.69
CA SER A 87 -31.04 -1.51 0.01
C SER A 87 -32.49 -1.94 -0.16
N GLU A 88 -32.78 -3.25 -0.13
CA GLU A 88 -34.14 -3.73 -0.26
C GLU A 88 -34.96 -3.54 1.01
N ASP A 89 -34.34 -3.08 2.10
CA ASP A 89 -35.02 -2.93 3.38
C ASP A 89 -35.64 -1.55 3.56
N SER A 90 -35.44 -0.64 2.61
CA SER A 90 -36.04 0.70 2.71
C SER A 90 -37.53 0.64 2.39
N ALA A 91 -38.35 0.44 3.42
CA ALA A 91 -39.79 0.30 3.22
C ALA A 91 -40.50 0.43 4.55
N VAL A 92 -41.81 0.23 4.52
CA VAL A 92 -42.67 0.30 5.70
C VAL A 92 -42.80 -1.12 6.27
N TYR A 93 -42.93 -1.20 7.59
CA TYR A 93 -43.02 -2.48 8.30
C TYR A 93 -44.21 -2.41 9.25
N TYR A 94 -45.35 -2.92 8.81
CA TYR A 94 -46.57 -2.88 9.62
C TYR A 94 -46.44 -3.78 10.84
N CYS A 95 -47.19 -3.44 11.89
CA CYS A 95 -47.36 -4.30 13.05
C CYS A 95 -48.73 -4.95 13.02
N THR A 96 -48.81 -6.15 13.59
CA THR A 96 -50.08 -6.85 13.80
C THR A 96 -49.80 -8.00 14.76
N ARG A 97 -50.86 -8.68 15.18
CA ARG A 97 -50.75 -9.84 16.04
C ARG A 97 -51.54 -11.00 15.42
N LEU A 98 -51.58 -12.12 16.14
CA LEU A 98 -52.34 -13.28 15.69
C LEU A 98 -53.79 -13.10 16.13
N LYS A 99 -54.43 -12.10 15.53
CA LYS A 99 -55.85 -11.84 15.81
C LYS A 99 -56.67 -13.04 15.41
N GLU A 100 -57.25 -13.72 16.39
CA GLU A 100 -57.86 -15.02 16.18
C GLU A 100 -59.12 -15.15 17.04
N TYR A 101 -60.14 -15.79 16.47
CA TYR A 101 -61.37 -16.10 17.19
C TYR A 101 -61.69 -17.58 17.06
N GLY A 102 -62.01 -18.20 18.20
CA GLY A 102 -62.50 -19.56 18.20
C GLY A 102 -61.45 -20.65 18.26
N ASN A 103 -60.45 -20.50 19.11
CA ASN A 103 -59.43 -21.52 19.36
C ASN A 103 -58.73 -21.90 18.05
N TYR A 104 -58.01 -20.92 17.49
CA TYR A 104 -57.21 -21.09 16.28
C TYR A 104 -58.07 -21.53 15.09
N ASP A 105 -59.31 -21.05 15.05
CA ASP A 105 -60.18 -21.35 13.91
C ASP A 105 -60.05 -20.27 12.83
N SER A 106 -60.26 -19.01 13.21
CA SER A 106 -60.20 -17.88 12.29
C SER A 106 -59.14 -16.90 12.80
N PHE A 107 -57.89 -17.14 12.42
CA PHE A 107 -56.80 -16.22 12.72
C PHE A 107 -56.51 -15.41 11.47
N TYR A 108 -56.74 -14.10 11.55
CA TYR A 108 -56.66 -13.23 10.38
C TYR A 108 -55.86 -11.99 10.76
N PHE A 109 -55.81 -11.03 9.83
CA PHE A 109 -55.10 -9.77 10.03
C PHE A 109 -56.07 -8.63 9.74
N ASP A 110 -56.77 -8.17 10.77
CA ASP A 110 -57.69 -7.04 10.63
C ASP A 110 -57.14 -5.76 11.20
N VAL A 111 -56.29 -5.83 12.23
CA VAL A 111 -55.69 -4.65 12.83
C VAL A 111 -54.45 -4.26 12.04
N TRP A 112 -54.33 -2.97 11.73
CA TRP A 112 -53.20 -2.47 10.96
C TRP A 112 -52.92 -1.04 11.43
N GLY A 113 -51.78 -0.86 12.09
CA GLY A 113 -51.42 0.46 12.59
C GLY A 113 -50.99 1.39 11.46
N ALA A 114 -50.30 2.46 11.87
CA ALA A 114 -49.84 3.45 10.90
C ALA A 114 -48.77 2.90 9.98
N GLY A 115 -47.99 1.92 10.45
CA GLY A 115 -46.93 1.35 9.64
C GLY A 115 -45.58 2.00 9.91
N THR A 116 -44.64 1.23 10.42
CA THR A 116 -43.31 1.74 10.74
C THR A 116 -42.51 1.92 9.46
N LEU A 117 -42.39 3.16 9.00
CA LEU A 117 -41.56 3.44 7.83
C LEU A 117 -40.09 3.35 8.19
N VAL A 118 -39.37 2.45 7.53
CA VAL A 118 -37.96 2.23 7.78
C VAL A 118 -37.22 2.48 6.47
N THR A 119 -36.65 3.67 6.32
CA THR A 119 -35.94 4.06 5.11
C THR A 119 -34.44 4.01 5.40
N VAL A 120 -33.78 2.97 4.88
CA VAL A 120 -32.33 2.84 5.01
C VAL A 120 -31.68 3.97 4.21
N SER A 121 -30.93 4.82 4.91
CA SER A 121 -30.32 5.99 4.27
C SER A 121 -29.36 5.55 3.18
N SER A 122 -29.37 6.29 2.07
CA SER A 122 -28.45 6.02 0.97
C SER A 122 -27.09 6.62 1.28
N GLY A 123 -26.21 6.68 0.28
CA GLY A 123 -24.87 7.18 0.49
C GLY A 123 -23.85 6.15 0.88
N GLU A 124 -24.09 4.87 0.55
CA GLU A 124 -23.14 3.81 0.85
C GLU A 124 -21.90 3.96 -0.02
N VAL A 125 -20.98 3.01 0.13
CA VAL A 125 -19.78 2.98 -0.71
C VAL A 125 -20.23 2.76 -2.16
N GLN A 126 -20.02 3.77 -3.00
CA GLN A 126 -20.55 3.75 -4.37
C GLN A 126 -19.50 3.15 -5.29
N LEU A 127 -19.79 1.95 -5.80
CA LEU A 127 -18.96 1.32 -6.84
C LEU A 127 -19.67 1.55 -8.17
N LYS A 128 -19.51 2.75 -8.71
CA LYS A 128 -20.23 3.15 -9.91
C LYS A 128 -19.41 2.82 -11.15
N GLU A 129 -20.11 2.43 -12.20
CA GLU A 129 -19.50 2.00 -13.46
C GLU A 129 -19.97 2.90 -14.59
N SER A 130 -19.08 3.18 -15.52
CA SER A 130 -19.38 4.01 -16.68
C SER A 130 -18.60 3.51 -17.88
N GLY A 131 -19.32 3.15 -18.94
CA GLY A 131 -18.69 2.67 -20.14
C GLY A 131 -19.69 2.32 -21.22
N PRO A 132 -19.35 2.62 -22.48
CA PRO A 132 -20.24 2.28 -23.59
C PRO A 132 -20.42 0.77 -23.71
N GLY A 133 -21.64 0.37 -24.07
CA GLY A 133 -21.97 -1.04 -24.16
C GLY A 133 -21.76 -1.63 -25.54
N LEU A 134 -21.70 -0.79 -26.57
CA LEU A 134 -21.54 -1.25 -27.94
C LEU A 134 -20.42 -0.45 -28.61
N VAL A 135 -19.46 -1.19 -29.17
CA VAL A 135 -18.36 -0.59 -29.92
C VAL A 135 -18.11 -1.45 -31.14
N ALA A 136 -17.50 -0.85 -32.16
CA ALA A 136 -17.22 -1.59 -33.39
C ALA A 136 -16.04 -2.53 -33.18
N PRO A 137 -16.09 -3.74 -33.77
CA PRO A 137 -14.95 -4.66 -33.65
C PRO A 137 -13.67 -4.07 -34.21
N GLY A 138 -12.63 -4.03 -33.39
CA GLY A 138 -11.37 -3.44 -33.76
C GLY A 138 -11.07 -2.10 -33.13
N GLY A 139 -12.07 -1.47 -32.51
CA GLY A 139 -11.88 -0.19 -31.86
C GLY A 139 -11.14 -0.33 -30.53
N SER A 140 -11.09 0.78 -29.82
CA SER A 140 -10.43 0.86 -28.52
C SER A 140 -11.51 1.00 -27.45
N LEU A 141 -11.87 -0.12 -26.83
CA LEU A 141 -12.90 -0.11 -25.79
C LEU A 141 -12.37 0.55 -24.53
N SER A 142 -13.19 1.41 -23.93
CA SER A 142 -12.83 2.11 -22.71
C SER A 142 -13.97 2.05 -21.71
N ILE A 143 -13.62 1.80 -20.45
CA ILE A 143 -14.57 1.78 -19.33
C ILE A 143 -13.95 2.58 -18.19
N THR A 144 -14.80 3.25 -17.42
CA THR A 144 -14.33 4.10 -16.33
C THR A 144 -15.19 3.83 -15.11
N CYS A 145 -14.63 3.10 -14.14
CA CYS A 145 -15.32 2.84 -12.89
C CYS A 145 -15.12 4.02 -11.94
N THR A 146 -16.23 4.50 -11.38
CA THR A 146 -16.22 5.63 -10.46
C THR A 146 -16.51 5.14 -9.05
N VAL A 147 -15.73 5.63 -8.08
CA VAL A 147 -15.87 5.21 -6.70
C VAL A 147 -15.84 6.45 -5.81
N SER A 148 -16.83 6.56 -4.93
CA SER A 148 -16.90 7.66 -3.98
C SER A 148 -16.99 7.10 -2.56
N GLY A 149 -16.71 7.97 -1.59
CA GLY A 149 -16.67 7.61 -0.20
C GLY A 149 -15.28 7.57 0.39
N PHE A 150 -14.25 7.47 -0.44
CA PHE A 150 -12.86 7.47 -0.02
C PHE A 150 -12.01 7.82 -1.24
N SER A 151 -10.70 7.64 -1.12
CA SER A 151 -9.76 7.95 -2.19
C SER A 151 -9.09 6.67 -2.67
N LEU A 152 -8.62 6.72 -3.93
CA LEU A 152 -7.93 5.57 -4.50
C LEU A 152 -6.58 5.31 -3.86
N THR A 153 -6.02 6.31 -3.16
CA THR A 153 -4.71 6.14 -2.55
C THR A 153 -4.72 5.17 -1.37
N ASP A 154 -5.90 4.85 -0.84
CA ASP A 154 -5.99 3.96 0.32
C ASP A 154 -6.86 2.75 0.01
N SER A 155 -6.86 2.30 -1.24
CA SER A 155 -7.63 1.12 -1.63
C SER A 155 -7.09 0.62 -2.97
N SER A 156 -7.64 -0.50 -3.42
CA SER A 156 -7.26 -1.11 -4.69
C SER A 156 -8.49 -1.66 -5.38
N ILE A 157 -8.53 -1.50 -6.70
CA ILE A 157 -9.69 -1.87 -7.51
C ILE A 157 -9.26 -2.93 -8.52
N ASN A 158 -10.10 -3.94 -8.71
CA ASN A 158 -9.85 -5.02 -9.65
C ASN A 158 -10.85 -4.95 -10.80
N TRP A 159 -10.52 -5.63 -11.89
CA TRP A 159 -11.37 -5.71 -13.07
C TRP A 159 -11.73 -7.17 -13.33
N VAL A 160 -12.82 -7.61 -12.69
CA VAL A 160 -13.32 -8.96 -12.95
C VAL A 160 -14.29 -8.94 -14.12
N ARG A 161 -14.25 -10.00 -14.92
CA ARG A 161 -15.10 -10.12 -16.09
C ARG A 161 -15.88 -11.42 -16.01
N GLN A 162 -17.01 -11.44 -16.72
CA GLN A 162 -17.90 -12.62 -16.73
C GLN A 162 -18.65 -12.64 -18.05
N PRO A 163 -18.30 -13.56 -18.94
CA PRO A 163 -19.08 -13.71 -20.17
C PRO A 163 -20.48 -14.22 -19.88
N PRO A 164 -21.46 -13.90 -20.71
CA PRO A 164 -22.83 -14.37 -20.47
C PRO A 164 -22.93 -15.88 -20.35
N GLY A 165 -23.30 -16.36 -19.17
CA GLY A 165 -23.42 -17.78 -18.94
C GLY A 165 -22.13 -18.45 -18.49
N LYS A 166 -20.99 -17.88 -18.90
CA LYS A 166 -19.70 -18.45 -18.57
C LYS A 166 -19.30 -18.06 -17.16
N GLY A 167 -18.06 -18.39 -16.78
CA GLY A 167 -17.56 -18.12 -15.45
C GLY A 167 -16.71 -16.87 -15.38
N LEU A 168 -16.37 -16.49 -14.15
CA LEU A 168 -15.56 -15.30 -13.92
C LEU A 168 -14.15 -15.49 -14.47
N GLU A 169 -13.45 -14.38 -14.66
CA GLU A 169 -12.07 -14.42 -15.12
C GLU A 169 -11.40 -13.09 -14.73
N TRP A 170 -10.40 -13.17 -13.86
CA TRP A 170 -9.67 -11.98 -13.47
C TRP A 170 -8.93 -11.38 -14.66
N LEU A 171 -9.03 -10.06 -14.80
CA LEU A 171 -8.39 -9.38 -15.93
C LEU A 171 -7.67 -8.11 -15.49
N GLY A 172 -6.97 -8.16 -14.37
CA GLY A 172 -6.12 -7.06 -13.94
C GLY A 172 -6.55 -6.48 -12.61
N MET A 173 -5.70 -5.60 -12.10
CA MET A 173 -5.94 -4.92 -10.84
C MET A 173 -5.02 -3.71 -10.76
N ILE A 174 -5.28 -2.85 -9.78
CA ILE A 174 -4.45 -1.68 -9.55
C ILE A 174 -4.56 -1.30 -8.09
N TRP A 175 -3.42 -0.98 -7.49
CA TRP A 175 -3.33 -0.69 -6.07
C TRP A 175 -3.36 0.83 -5.84
N GLY A 176 -3.33 1.23 -4.57
CA GLY A 176 -3.26 2.63 -4.23
C GLY A 176 -1.88 3.24 -4.28
N ASP A 177 -0.84 2.41 -4.40
CA ASP A 177 0.53 2.90 -4.48
C ASP A 177 0.95 3.23 -5.89
N GLY A 178 0.46 2.47 -6.88
CA GLY A 178 0.81 2.72 -8.26
C GLY A 178 1.20 1.47 -9.03
N ARG A 179 0.98 0.30 -8.43
CA ARG A 179 1.26 -0.95 -9.11
C ARG A 179 0.05 -1.41 -9.92
N ILE A 180 0.32 -1.99 -11.08
CA ILE A 180 -0.72 -2.45 -11.99
C ILE A 180 -0.39 -3.88 -12.40
N ASP A 181 -1.39 -4.76 -12.31
CA ASP A 181 -1.23 -6.16 -12.67
C ASP A 181 -2.15 -6.50 -13.84
N TYR A 182 -1.80 -7.57 -14.55
CA TYR A 182 -2.60 -8.08 -15.65
C TYR A 182 -2.58 -9.60 -15.63
N ALA A 183 -3.69 -10.21 -16.05
CA ALA A 183 -3.72 -11.64 -16.23
C ALA A 183 -2.77 -12.04 -17.36
N ASP A 184 -2.10 -13.18 -17.18
CA ASP A 184 -1.12 -13.63 -18.16
C ASP A 184 -1.74 -13.91 -19.53
N ALA A 185 -3.06 -14.11 -19.58
CA ALA A 185 -3.71 -14.39 -20.86
C ALA A 185 -3.81 -13.12 -21.70
N LEU A 186 -4.46 -12.08 -21.17
CA LEU A 186 -4.67 -10.84 -21.90
C LEU A 186 -3.71 -9.73 -21.47
N LYS A 187 -2.47 -10.07 -21.13
CA LYS A 187 -1.50 -9.08 -20.68
C LYS A 187 -1.14 -8.07 -21.77
N SER A 188 -1.33 -8.42 -23.04
CA SER A 188 -0.94 -7.56 -24.15
C SER A 188 -2.04 -6.55 -24.51
N ARG A 189 -3.24 -7.05 -24.79
CA ARG A 189 -4.34 -6.19 -25.25
C ARG A 189 -5.02 -5.42 -24.14
N LEU A 190 -4.51 -5.41 -22.91
CA LEU A 190 -5.18 -4.77 -21.79
C LEU A 190 -4.28 -3.73 -21.15
N SER A 191 -4.90 -2.69 -20.60
CA SER A 191 -4.17 -1.63 -19.93
C SER A 191 -5.04 -0.95 -18.88
N ILE A 192 -4.47 -0.69 -17.70
CA ILE A 192 -5.20 -0.10 -16.59
C ILE A 192 -4.49 1.16 -16.14
N SER A 193 -5.27 2.15 -15.69
CA SER A 193 -4.74 3.38 -15.13
C SER A 193 -5.76 3.91 -14.12
N LYS A 194 -5.30 4.81 -13.25
CA LYS A 194 -6.13 5.37 -12.21
C LYS A 194 -5.98 6.88 -12.18
N ASP A 195 -6.90 7.54 -11.46
CA ASP A 195 -6.87 9.00 -11.28
C ASP A 195 -7.54 9.29 -9.95
N SER A 196 -6.71 9.53 -8.92
CA SER A 196 -7.23 9.81 -7.59
C SER A 196 -7.98 11.13 -7.51
N SER A 197 -7.65 12.08 -8.39
CA SER A 197 -8.38 13.35 -8.42
C SER A 197 -9.83 13.13 -8.83
N LYS A 198 -10.03 12.52 -10.01
CA LYS A 198 -11.38 12.20 -10.45
C LYS A 198 -11.97 11.02 -9.68
N SER A 199 -11.18 10.32 -8.88
CA SER A 199 -11.62 9.14 -8.15
C SER A 199 -12.16 8.08 -9.10
N GLN A 200 -11.46 7.86 -10.21
CA GLN A 200 -11.88 6.92 -11.23
C GLN A 200 -10.68 6.14 -11.74
N VAL A 201 -10.94 4.97 -12.31
CA VAL A 201 -9.91 4.09 -12.85
C VAL A 201 -10.30 3.70 -14.26
N PHE A 202 -9.33 3.75 -15.17
CA PHE A 202 -9.62 3.55 -16.59
C PHE A 202 -9.44 2.07 -16.97
N LEU A 203 -9.63 1.79 -18.25
CA LEU A 203 -9.42 0.48 -18.84
C LEU A 203 -9.39 0.63 -20.35
N GLU A 204 -8.48 -0.08 -21.00
CA GLU A 204 -8.34 -0.04 -22.45
C GLU A 204 -8.39 -1.47 -23.00
N MET A 205 -8.58 -1.59 -24.31
CA MET A 205 -8.60 -2.88 -24.97
C MET A 205 -8.41 -2.66 -26.46
N THR A 206 -7.58 -3.51 -27.08
CA THR A 206 -7.24 -3.39 -28.49
C THR A 206 -7.80 -4.60 -29.25
N SER A 207 -8.27 -4.36 -30.47
CA SER A 207 -8.81 -5.38 -31.35
C SER A 207 -9.92 -6.18 -30.68
N LEU A 208 -11.02 -5.48 -30.40
CA LEU A 208 -12.17 -6.08 -29.74
C LEU A 208 -12.84 -7.09 -30.65
N ARG A 209 -12.80 -8.36 -30.26
CA ARG A 209 -13.50 -9.41 -30.98
C ARG A 209 -14.87 -9.64 -30.36
N THR A 210 -15.70 -10.41 -31.07
CA THR A 210 -17.05 -10.68 -30.60
C THR A 210 -17.07 -11.47 -29.30
N ASP A 211 -16.04 -12.27 -29.03
CA ASP A 211 -16.00 -13.03 -27.79
C ASP A 211 -15.83 -12.13 -26.58
N ASP A 212 -15.36 -10.89 -26.78
CA ASP A 212 -15.13 -9.98 -25.67
C ASP A 212 -16.41 -9.48 -25.03
N THR A 213 -17.57 -9.82 -25.59
CA THR A 213 -18.85 -9.41 -25.01
C THR A 213 -19.01 -10.04 -23.64
N ALA A 214 -18.98 -9.22 -22.59
CA ALA A 214 -19.06 -9.70 -21.22
C ALA A 214 -19.29 -8.52 -20.29
N THR A 215 -19.91 -8.80 -19.15
CA THR A 215 -20.12 -7.77 -18.15
C THR A 215 -18.81 -7.45 -17.44
N TYR A 216 -18.54 -6.15 -17.28
CA TYR A 216 -17.29 -5.68 -16.69
C TYR A 216 -17.59 -5.07 -15.33
N TYR A 217 -17.24 -5.80 -14.27
CA TYR A 217 -17.39 -5.31 -12.91
C TYR A 217 -16.20 -4.43 -12.54
N CYS A 218 -16.22 -3.90 -11.32
CA CYS A 218 -15.04 -3.27 -10.72
C CYS A 218 -15.19 -3.37 -9.22
N ALA A 219 -14.42 -4.25 -8.60
CA ALA A 219 -14.57 -4.59 -7.19
C ALA A 219 -13.47 -3.92 -6.37
N ARG A 220 -13.72 -3.81 -5.07
CA ARG A 220 -12.81 -3.18 -4.13
C ARG A 220 -12.22 -4.23 -3.20
N ASP A 221 -10.91 -4.13 -2.97
CA ASP A 221 -10.22 -5.06 -2.08
C ASP A 221 -10.17 -4.48 -0.67
N GLY A 222 -10.43 -5.34 0.32
CA GLY A 222 -10.37 -4.92 1.70
C GLY A 222 -8.96 -4.89 2.24
N TYR A 223 -8.76 -5.41 3.44
CA TYR A 223 -7.44 -5.50 4.04
C TYR A 223 -6.84 -6.89 3.76
N PHE A 224 -5.68 -7.14 4.38
CA PHE A 224 -4.99 -8.42 4.28
C PHE A 224 -5.95 -9.56 4.61
N PRO A 225 -5.95 -10.65 3.82
CA PRO A 225 -5.04 -10.97 2.72
C PRO A 225 -5.48 -10.41 1.37
N TYR A 226 -6.05 -9.21 1.35
CA TYR A 226 -6.34 -8.49 0.12
C TYR A 226 -7.28 -9.26 -0.79
N ALA A 227 -8.34 -9.83 -0.22
CA ALA A 227 -9.39 -10.45 -1.01
C ALA A 227 -10.37 -9.36 -1.47
N MET A 228 -11.43 -9.76 -2.15
CA MET A 228 -12.44 -8.84 -2.65
C MET A 228 -13.67 -8.87 -1.75
N ASP A 229 -14.12 -7.70 -1.31
CA ASP A 229 -15.26 -7.58 -0.42
C ASP A 229 -16.42 -6.78 -0.99
N PHE A 230 -16.15 -5.66 -1.66
CA PHE A 230 -17.20 -4.84 -2.24
C PHE A 230 -17.39 -5.17 -3.71
N TRP A 231 -18.60 -4.93 -4.20
CA TRP A 231 -18.95 -5.30 -5.58
C TRP A 231 -20.01 -4.32 -6.08
N GLY A 232 -19.75 -3.71 -7.24
CA GLY A 232 -20.72 -2.84 -7.86
C GLY A 232 -21.77 -3.62 -8.62
N GLN A 233 -22.29 -3.05 -9.71
CA GLN A 233 -23.25 -3.72 -10.56
C GLN A 233 -22.74 -4.03 -11.95
N GLY A 234 -21.81 -3.23 -12.47
CA GLY A 234 -21.20 -3.50 -13.76
C GLY A 234 -22.02 -2.99 -14.93
N THR A 235 -21.37 -2.27 -15.84
CA THR A 235 -22.02 -1.82 -17.06
C THR A 235 -21.90 -2.90 -18.13
N SER A 236 -22.96 -3.10 -18.89
CA SER A 236 -22.96 -4.14 -19.91
C SER A 236 -22.08 -3.74 -21.09
N VAL A 237 -21.56 -4.76 -21.78
CA VAL A 237 -20.72 -4.57 -22.96
C VAL A 237 -21.11 -5.64 -23.98
N THR A 238 -21.44 -5.20 -25.20
CA THR A 238 -21.82 -6.12 -26.26
C THR A 238 -21.15 -5.70 -27.55
N VAL A 239 -20.65 -6.70 -28.29
CA VAL A 239 -20.06 -6.46 -29.61
C VAL A 239 -20.58 -7.52 -30.57
N SER A 240 -21.54 -7.14 -31.42
CA SER A 240 -22.13 -8.04 -32.39
C SER A 240 -21.82 -7.62 -33.82
N SER A 241 -22.05 -6.35 -34.15
CA SER A 241 -21.76 -5.84 -35.48
C SER A 241 -21.40 -4.37 -35.37
N GLY A 242 -20.41 -3.93 -36.14
CA GLY A 242 -19.95 -2.57 -36.08
C GLY A 242 -21.02 -1.55 -36.43
N GLY A 243 -21.50 -0.82 -35.43
CA GLY A 243 -22.48 0.23 -35.66
C GLY A 243 -21.84 1.57 -35.94
N ALA A 244 -22.20 2.18 -37.06
CA ALA A 244 -21.65 3.49 -37.41
C ALA A 244 -22.02 4.56 -36.40
N SER A 245 -23.11 4.37 -35.66
CA SER A 245 -23.55 5.36 -34.67
C SER A 245 -22.84 5.11 -33.34
N THR A 246 -21.55 5.46 -33.34
CA THR A 246 -20.72 5.36 -32.15
C THR A 246 -20.86 6.57 -31.22
N LYS A 247 -21.84 7.44 -31.48
CA LYS A 247 -22.05 8.64 -30.70
C LYS A 247 -23.52 8.76 -30.32
N GLY A 248 -23.76 9.32 -29.14
CA GLY A 248 -25.11 9.53 -28.66
C GLY A 248 -25.82 10.63 -29.42
N PRO A 249 -27.02 10.99 -28.97
CA PRO A 249 -27.78 12.02 -29.67
C PRO A 249 -27.30 13.43 -29.37
N SER A 250 -27.00 14.20 -30.42
CA SER A 250 -26.69 15.61 -30.24
C SER A 250 -27.93 16.36 -29.79
N VAL A 251 -28.00 16.69 -28.50
CA VAL A 251 -29.22 17.27 -27.94
C VAL A 251 -29.40 18.68 -28.49
N PHE A 252 -30.48 18.89 -29.24
CA PHE A 252 -30.80 20.20 -29.77
C PHE A 252 -31.63 20.96 -28.76
N PRO A 253 -31.15 22.10 -28.24
CA PRO A 253 -31.94 22.85 -27.27
C PRO A 253 -33.08 23.61 -27.93
N LEU A 254 -34.27 23.47 -27.34
CA LEU A 254 -35.47 24.14 -27.82
C LEU A 254 -36.00 24.99 -26.67
N ALA A 255 -35.62 26.27 -26.66
CA ALA A 255 -36.05 27.16 -25.60
C ALA A 255 -37.54 27.40 -25.70
N PRO A 256 -38.25 27.56 -24.57
CA PRO A 256 -39.69 27.77 -24.63
C PRO A 256 -40.06 29.17 -25.08
N SER A 257 -41.35 29.47 -25.13
CA SER A 257 -41.81 30.78 -25.55
C SER A 257 -41.41 31.84 -24.52
N SER A 258 -41.33 33.09 -24.98
CA SER A 258 -40.97 34.19 -24.09
C SER A 258 -42.06 34.40 -23.04
N LYS A 259 -41.70 35.14 -21.98
CA LYS A 259 -42.62 35.37 -20.88
C LYS A 259 -43.79 36.26 -21.30
N SER A 260 -43.66 37.04 -22.37
CA SER A 260 -44.68 38.00 -22.74
C SER A 260 -45.56 37.56 -23.89
N THR A 261 -45.20 36.47 -24.59
CA THR A 261 -45.93 36.04 -25.77
C THR A 261 -46.73 34.77 -25.55
N SER A 262 -46.81 34.27 -24.32
CA SER A 262 -47.52 33.04 -24.02
C SER A 262 -48.83 33.38 -23.32
N GLY A 263 -49.95 33.11 -23.99
CA GLY A 263 -51.24 33.31 -23.35
C GLY A 263 -51.49 32.32 -22.22
N GLY A 264 -50.97 31.10 -22.35
CA GLY A 264 -51.06 30.11 -21.31
C GLY A 264 -49.71 29.78 -20.71
N THR A 265 -49.57 28.52 -20.30
CA THR A 265 -48.31 28.05 -19.76
C THR A 265 -47.25 27.97 -20.85
N ALA A 266 -46.00 27.84 -20.42
CA ALA A 266 -44.84 27.76 -21.32
C ALA A 266 -44.16 26.41 -21.14
N ALA A 267 -44.02 25.67 -22.23
CA ALA A 267 -43.40 24.35 -22.22
C ALA A 267 -42.16 24.36 -23.09
N LEU A 268 -41.11 23.68 -22.61
CA LEU A 268 -39.84 23.59 -23.31
C LEU A 268 -39.57 22.14 -23.72
N GLY A 269 -38.50 21.95 -24.48
CA GLY A 269 -38.14 20.61 -24.92
C GLY A 269 -36.77 20.61 -25.55
N CYS A 270 -36.36 19.44 -26.02
CA CYS A 270 -35.09 19.27 -26.72
C CYS A 270 -35.25 18.19 -27.77
N LEU A 271 -35.06 18.55 -29.03
CA LEU A 271 -35.21 17.60 -30.12
C LEU A 271 -34.01 16.66 -30.15
N VAL A 272 -34.28 15.36 -30.03
CA VAL A 272 -33.25 14.33 -30.02
C VAL A 272 -33.11 13.79 -31.44
N LYS A 273 -31.87 13.73 -31.92
CA LYS A 273 -31.59 13.19 -33.25
C LYS A 273 -30.18 12.64 -33.26
N ASP A 274 -29.88 11.85 -34.30
CA ASP A 274 -28.55 11.28 -34.53
C ASP A 274 -28.14 10.35 -33.37
N TYR A 275 -28.96 9.32 -33.14
CA TYR A 275 -28.63 8.31 -32.16
C TYR A 275 -29.16 6.96 -32.62
N PHE A 276 -28.42 5.91 -32.29
CA PHE A 276 -28.76 4.53 -32.65
C PHE A 276 -27.87 3.58 -31.86
N PRO A 277 -28.40 2.48 -31.33
CA PRO A 277 -29.81 2.07 -31.45
C PRO A 277 -30.72 2.69 -30.40
N GLU A 278 -31.95 2.21 -30.34
CA GLU A 278 -33.03 2.63 -29.45
C GLU A 278 -33.02 1.80 -28.17
N PRO A 279 -33.44 2.39 -27.03
CA PRO A 279 -33.85 3.79 -26.90
C PRO A 279 -32.80 4.64 -26.21
N VAL A 280 -33.13 5.91 -25.98
CA VAL A 280 -32.29 6.84 -25.22
C VAL A 280 -33.14 7.42 -24.08
N THR A 281 -32.55 7.52 -22.90
CA THR A 281 -33.25 8.01 -21.72
C THR A 281 -33.08 9.52 -21.62
N VAL A 282 -34.20 10.23 -21.49
CA VAL A 282 -34.20 11.69 -21.39
C VAL A 282 -35.01 12.10 -20.18
N SER A 283 -34.54 13.13 -19.49
CA SER A 283 -35.23 13.65 -18.32
C SER A 283 -35.04 15.16 -18.28
N TRP A 284 -35.68 15.80 -17.31
CA TRP A 284 -35.60 17.24 -17.12
C TRP A 284 -35.36 17.54 -15.65
N ASN A 285 -34.46 18.51 -15.40
CA ASN A 285 -34.11 18.92 -14.04
C ASN A 285 -33.61 17.76 -13.19
N SER A 286 -32.89 16.82 -13.83
CA SER A 286 -32.38 15.62 -13.17
C SER A 286 -33.52 14.84 -12.52
N GLY A 287 -34.66 14.78 -13.20
CA GLY A 287 -35.82 14.09 -12.70
C GLY A 287 -36.73 14.91 -11.82
N ALA A 288 -36.30 16.10 -11.41
CA ALA A 288 -37.11 16.94 -10.53
C ALA A 288 -38.12 17.75 -11.34
N LEU A 289 -38.91 17.06 -12.18
CA LEU A 289 -39.95 17.71 -12.96
C LEU A 289 -40.94 16.67 -13.46
N THR A 290 -42.19 16.76 -13.01
CA THR A 290 -43.20 15.76 -13.38
C THR A 290 -44.50 16.38 -13.86
N SER A 291 -44.80 17.63 -13.50
CA SER A 291 -46.05 18.26 -13.89
C SER A 291 -46.07 18.57 -15.38
N GLY A 292 -47.11 18.11 -16.06
CA GLY A 292 -47.29 18.42 -17.48
C GLY A 292 -46.20 17.90 -18.38
N VAL A 293 -45.63 16.74 -18.07
CA VAL A 293 -44.60 16.13 -18.90
C VAL A 293 -45.27 15.20 -19.91
N HIS A 294 -44.71 15.15 -21.12
CA HIS A 294 -45.21 14.29 -22.18
C HIS A 294 -44.03 13.78 -22.99
N THR A 295 -43.96 12.47 -23.18
CA THR A 295 -42.88 11.83 -23.94
C THR A 295 -43.46 11.17 -25.18
N PHE A 296 -42.90 11.50 -26.34
CA PHE A 296 -43.36 10.94 -27.61
C PHE A 296 -42.55 9.71 -27.94
N PRO A 297 -43.17 8.53 -28.10
CA PRO A 297 -42.41 7.33 -28.47
C PRO A 297 -41.68 7.52 -29.78
N ALA A 298 -40.38 7.24 -29.77
CA ALA A 298 -39.55 7.45 -30.94
C ALA A 298 -39.97 6.54 -32.08
N VAL A 299 -39.73 7.02 -33.31
CA VAL A 299 -40.05 6.28 -34.53
C VAL A 299 -38.85 6.34 -35.45
N LEU A 300 -38.57 5.22 -36.09
CA LEU A 300 -37.44 5.15 -37.03
C LEU A 300 -37.61 6.18 -38.14
N GLN A 301 -36.57 6.98 -38.35
CA GLN A 301 -36.65 8.12 -39.25
C GLN A 301 -36.58 7.65 -40.70
N SER A 302 -36.58 8.63 -41.61
CA SER A 302 -36.55 8.34 -43.04
C SER A 302 -35.12 8.04 -43.49
N SER A 303 -34.99 7.49 -44.70
CA SER A 303 -33.71 7.04 -45.22
C SER A 303 -32.84 8.17 -45.74
N GLY A 304 -33.14 9.43 -45.39
CA GLY A 304 -32.36 10.55 -45.88
C GLY A 304 -31.18 10.89 -44.99
N LEU A 305 -31.26 10.53 -43.72
CA LEU A 305 -30.22 10.87 -42.74
C LEU A 305 -29.88 9.64 -41.90
N TYR A 306 -29.64 8.52 -42.56
CA TYR A 306 -29.31 7.23 -41.94
C TYR A 306 -30.45 6.67 -41.10
N SER A 307 -31.62 7.30 -41.14
CA SER A 307 -32.80 6.87 -40.39
C SER A 307 -32.50 6.79 -38.89
N LEU A 308 -31.70 7.74 -38.42
CA LEU A 308 -31.38 7.83 -36.99
C LEU A 308 -32.65 8.15 -36.21
N SER A 309 -32.93 7.34 -35.20
CA SER A 309 -34.16 7.49 -34.42
C SER A 309 -34.22 8.86 -33.77
N SER A 310 -35.44 9.28 -33.44
CA SER A 310 -35.65 10.61 -32.87
C SER A 310 -36.80 10.52 -31.87
N VAL A 311 -36.52 10.86 -30.62
CA VAL A 311 -37.52 10.88 -29.56
C VAL A 311 -37.76 12.32 -29.14
N VAL A 312 -39.00 12.64 -28.82
CA VAL A 312 -39.40 13.98 -28.41
C VAL A 312 -40.05 13.89 -27.04
N THR A 313 -39.77 14.86 -26.18
CA THR A 313 -40.38 14.94 -24.86
C THR A 313 -40.51 16.40 -24.46
N VAL A 314 -41.50 16.70 -23.63
CA VAL A 314 -41.80 18.08 -23.26
C VAL A 314 -42.47 18.16 -21.89
N PRO A 315 -41.88 18.88 -20.94
CA PRO A 315 -42.60 19.20 -19.71
C PRO A 315 -43.31 20.54 -19.81
N SER A 316 -44.44 20.68 -19.13
CA SER A 316 -45.22 21.91 -19.14
C SER A 316 -45.17 22.55 -17.76
N SER A 317 -44.77 23.82 -17.72
CA SER A 317 -44.68 24.57 -16.48
C SER A 317 -45.30 25.95 -16.68
N SER A 318 -45.56 26.63 -15.57
CA SER A 318 -46.18 27.94 -15.61
C SER A 318 -45.14 29.04 -15.75
N LEU A 319 -45.53 30.14 -16.38
CA LEU A 319 -44.66 31.29 -16.53
C LEU A 319 -44.46 31.99 -15.18
N GLY A 320 -43.23 32.43 -14.92
CA GLY A 320 -42.12 32.23 -15.84
C GLY A 320 -41.38 30.94 -15.59
N THR A 321 -40.44 30.62 -16.48
CA THR A 321 -39.69 29.38 -16.35
C THR A 321 -38.75 29.44 -15.16
N GLN A 322 -38.62 28.31 -14.47
CA GLN A 322 -37.68 28.18 -13.36
C GLN A 322 -36.34 27.71 -13.89
N THR A 323 -35.45 27.31 -12.99
CA THR A 323 -34.16 26.75 -13.39
C THR A 323 -34.39 25.34 -13.94
N TYR A 324 -34.45 25.23 -15.27
CA TYR A 324 -34.74 23.96 -15.94
C TYR A 324 -33.54 23.59 -16.80
N ILE A 325 -33.01 22.39 -16.58
CA ILE A 325 -31.84 21.90 -17.32
C ILE A 325 -32.13 20.48 -17.78
N CYS A 326 -31.80 20.20 -19.04
CA CYS A 326 -32.05 18.90 -19.63
C CYS A 326 -31.09 17.85 -19.05
N ASN A 327 -31.54 16.60 -19.07
CA ASN A 327 -30.74 15.48 -18.60
C ASN A 327 -30.99 14.29 -19.50
N VAL A 328 -29.94 13.74 -20.09
CA VAL A 328 -30.04 12.67 -21.07
C VAL A 328 -29.13 11.52 -20.66
N ASN A 329 -29.61 10.30 -20.88
CA ASN A 329 -28.85 9.08 -20.61
C ASN A 329 -28.90 8.21 -21.86
N HIS A 330 -27.74 7.96 -22.45
CA HIS A 330 -27.61 7.15 -23.67
C HIS A 330 -26.67 5.99 -23.37
N LYS A 331 -27.23 4.82 -23.15
CA LYS A 331 -26.45 3.63 -22.81
C LYS A 331 -25.52 3.15 -23.93
N PRO A 332 -25.82 3.34 -25.22
CA PRO A 332 -24.84 2.95 -26.25
C PRO A 332 -23.62 3.86 -26.31
N SER A 333 -23.68 5.05 -25.72
CA SER A 333 -22.56 5.99 -25.75
C SER A 333 -22.09 6.42 -24.38
N ASN A 334 -22.88 6.22 -23.32
CA ASN A 334 -22.50 6.52 -21.95
C ASN A 334 -22.21 8.00 -21.75
N THR A 335 -22.67 8.84 -22.67
CA THR A 335 -22.45 10.28 -22.61
C THR A 335 -23.60 10.96 -21.86
N LYS A 336 -23.22 11.92 -21.02
CA LYS A 336 -24.17 12.69 -20.23
C LYS A 336 -24.02 14.17 -20.59
N VAL A 337 -25.13 14.81 -20.95
CA VAL A 337 -25.14 16.20 -21.36
C VAL A 337 -26.17 16.96 -20.52
N ASP A 338 -26.11 18.28 -20.60
CA ASP A 338 -27.03 19.16 -19.89
C ASP A 338 -26.95 20.54 -20.54
N LYS A 339 -28.05 21.29 -20.40
CA LYS A 339 -28.14 22.63 -20.98
C LYS A 339 -29.34 23.34 -20.38
N LYS A 340 -29.16 24.63 -20.11
CA LYS A 340 -30.23 25.47 -19.61
C LYS A 340 -30.93 26.19 -20.76
N VAL A 341 -32.22 26.45 -20.58
CA VAL A 341 -33.04 27.09 -21.61
C VAL A 341 -32.95 28.61 -21.45
N GLU A 342 -32.97 29.30 -22.58
CA GLU A 342 -32.93 30.76 -22.60
C GLU A 342 -33.80 31.25 -23.75
N PRO A 343 -35.04 31.67 -23.47
CA PRO A 343 -35.95 32.17 -24.51
C PRO A 343 -35.53 33.53 -25.05
N ASP B 1 0.52 -18.92 -16.21
CA ASP B 1 -0.40 -18.64 -15.12
C ASP B 1 -1.01 -19.93 -14.57
N ILE B 2 -1.30 -19.93 -13.27
CA ILE B 2 -1.94 -21.09 -12.66
C ILE B 2 -3.40 -21.14 -13.09
N VAL B 3 -3.91 -22.36 -13.28
CA VAL B 3 -5.30 -22.58 -13.64
C VAL B 3 -5.96 -23.41 -12.56
N LEU B 4 -7.23 -23.13 -12.29
CA LEU B 4 -7.99 -23.83 -11.27
C LEU B 4 -9.18 -24.52 -11.90
N THR B 5 -9.36 -25.80 -11.56
CA THR B 5 -10.47 -26.59 -12.02
C THR B 5 -11.36 -26.97 -10.85
N GLN B 6 -12.65 -27.14 -11.14
CA GLN B 6 -13.63 -27.50 -10.12
C GLN B 6 -14.38 -28.74 -10.56
N SER B 7 -15.04 -29.38 -9.61
CA SER B 7 -15.81 -30.59 -9.87
C SER B 7 -16.98 -30.68 -8.91
N PRO B 8 -18.23 -30.70 -9.41
CA PRO B 8 -18.54 -30.59 -10.84
C PRO B 8 -18.66 -29.16 -11.32
N ALA B 9 -18.63 -28.96 -12.64
CA ALA B 9 -18.82 -27.63 -13.19
C ALA B 9 -20.20 -27.08 -12.88
N SER B 10 -21.20 -27.96 -12.75
CA SER B 10 -22.54 -27.57 -12.35
C SER B 10 -23.10 -28.65 -11.45
N LEU B 11 -23.88 -28.22 -10.45
CA LEU B 11 -24.39 -29.14 -9.46
C LEU B 11 -25.82 -28.78 -9.10
N ALA B 12 -26.65 -29.81 -8.94
CA ALA B 12 -28.03 -29.65 -8.49
C ALA B 12 -28.26 -30.60 -7.33
N VAL B 13 -28.52 -30.05 -6.14
CA VAL B 13 -28.71 -30.84 -4.93
C VAL B 13 -29.95 -30.33 -4.22
N SER B 14 -30.77 -31.25 -3.73
CA SER B 14 -32.02 -30.88 -3.08
C SER B 14 -31.75 -30.36 -1.67
N LEU B 15 -32.83 -30.01 -0.97
CA LEU B 15 -32.73 -29.44 0.37
C LEU B 15 -32.46 -30.55 1.39
N GLY B 16 -31.80 -30.15 2.48
CA GLY B 16 -31.50 -31.06 3.56
C GLY B 16 -30.20 -31.83 3.42
N GLN B 17 -29.62 -31.87 2.23
CA GLN B 17 -28.38 -32.60 2.01
C GLN B 17 -27.20 -31.72 2.44
N ARG B 18 -25.98 -32.17 2.14
CA ARG B 18 -24.77 -31.46 2.47
C ARG B 18 -24.01 -31.15 1.17
N ALA B 19 -23.74 -29.87 0.93
CA ALA B 19 -23.06 -29.48 -0.28
C ALA B 19 -21.59 -29.86 -0.23
N THR B 20 -21.02 -30.13 -1.40
CA THR B 20 -19.61 -30.50 -1.50
C THR B 20 -19.11 -30.02 -2.87
N ILE B 21 -18.42 -28.89 -2.88
CA ILE B 21 -17.90 -28.28 -4.10
C ILE B 21 -16.39 -28.21 -3.97
N SER B 22 -15.70 -29.02 -4.76
CA SER B 22 -14.24 -29.10 -4.73
C SER B 22 -13.63 -28.19 -5.79
N CYS B 23 -12.50 -27.58 -5.45
CA CYS B 23 -11.75 -26.72 -6.36
C CYS B 23 -10.31 -27.22 -6.38
N ARG B 24 -9.92 -27.85 -7.49
CA ARG B 24 -8.59 -28.42 -7.63
C ARG B 24 -7.66 -27.43 -8.31
N ALA B 25 -6.44 -27.33 -7.79
CA ALA B 25 -5.43 -26.42 -8.32
C ALA B 25 -4.42 -27.19 -9.14
N SER B 26 -3.84 -26.52 -10.14
CA SER B 26 -2.83 -27.17 -10.98
C SER B 26 -1.56 -27.45 -10.21
N GLU B 27 -1.26 -26.64 -9.20
CA GLU B 27 -0.06 -26.81 -8.39
C GLU B 27 -0.41 -26.44 -6.96
N SER B 28 0.61 -26.29 -6.12
CA SER B 28 0.41 -25.86 -4.75
C SER B 28 0.25 -24.35 -4.68
N VAL B 29 -0.61 -23.90 -3.78
CA VAL B 29 -0.90 -22.47 -3.63
C VAL B 29 -0.50 -21.93 -2.27
N ASP B 30 -0.18 -22.78 -1.30
CA ASP B 30 0.17 -22.31 0.02
C ASP B 30 1.47 -21.50 -0.01
N SER B 31 1.63 -20.63 0.98
CA SER B 31 2.83 -19.82 1.10
C SER B 31 3.00 -19.42 2.55
N TYR B 32 4.10 -19.84 3.16
CA TYR B 32 4.42 -19.55 4.56
C TYR B 32 3.30 -20.04 5.48
N GLY B 33 3.03 -21.34 5.41
CA GLY B 33 2.09 -22.00 6.30
C GLY B 33 0.63 -21.72 6.05
N GLN B 34 0.28 -20.85 5.11
CA GLN B 34 -1.11 -20.50 4.85
C GLN B 34 -1.38 -20.54 3.35
N SER B 35 -2.61 -20.93 3.01
CA SER B 35 -3.04 -21.04 1.63
C SER B 35 -3.92 -19.85 1.28
N TYR B 36 -3.65 -19.24 0.13
CA TYR B 36 -4.35 -18.04 -0.30
C TYR B 36 -5.47 -18.38 -1.30
N MET B 37 -6.50 -19.05 -0.77
CA MET B 37 -7.68 -19.40 -1.55
C MET B 37 -8.89 -18.63 -1.02
N HIS B 38 -9.86 -18.43 -1.91
CA HIS B 38 -11.05 -17.68 -1.57
C HIS B 38 -12.26 -18.31 -2.24
N TRP B 39 -13.44 -17.83 -1.88
CA TRP B 39 -14.70 -18.25 -2.48
C TRP B 39 -15.56 -17.02 -2.73
N TYR B 40 -16.59 -17.18 -3.54
CA TYR B 40 -17.49 -16.07 -3.85
C TYR B 40 -18.87 -16.65 -4.14
N GLN B 41 -19.88 -15.80 -3.98
CA GLN B 41 -21.27 -16.19 -4.22
C GLN B 41 -21.91 -15.19 -5.16
N GLN B 42 -22.30 -15.65 -6.34
CA GLN B 42 -22.92 -14.81 -7.35
C GLN B 42 -24.31 -15.37 -7.67
N LYS B 43 -25.33 -14.56 -7.45
CA LYS B 43 -26.69 -14.94 -7.80
C LYS B 43 -27.03 -14.45 -9.21
N ALA B 44 -28.26 -14.72 -9.63
CA ALA B 44 -28.70 -14.32 -10.96
C ALA B 44 -28.75 -12.80 -11.08
N GLY B 45 -27.86 -12.25 -11.90
CA GLY B 45 -27.79 -10.82 -12.10
C GLY B 45 -27.21 -10.06 -10.94
N GLN B 46 -26.84 -10.79 -9.87
CA GLN B 46 -26.28 -10.19 -8.66
C GLN B 46 -24.76 -10.24 -8.71
N PRO B 47 -24.10 -9.27 -8.07
CA PRO B 47 -22.63 -9.29 -8.03
C PRO B 47 -22.13 -10.29 -7.01
N PRO B 48 -20.86 -10.68 -7.09
CA PRO B 48 -20.32 -11.65 -6.12
C PRO B 48 -20.26 -11.10 -4.70
N LYS B 49 -19.84 -11.94 -3.76
CA LYS B 49 -19.70 -11.52 -2.36
C LYS B 49 -18.74 -12.49 -1.68
N LEU B 50 -17.79 -11.95 -0.91
CA LEU B 50 -16.82 -12.79 -0.23
C LEU B 50 -17.50 -13.71 0.78
N LEU B 51 -17.10 -14.98 0.76
CA LEU B 51 -17.64 -15.99 1.67
C LEU B 51 -16.61 -16.48 2.66
N ILE B 52 -15.49 -17.01 2.18
CA ILE B 52 -14.44 -17.56 3.03
C ILE B 52 -13.10 -17.08 2.50
N TYR B 53 -12.30 -16.46 3.37
CA TYR B 53 -10.96 -16.03 3.03
C TYR B 53 -9.95 -16.99 3.67
N LEU B 54 -8.82 -17.19 2.99
CA LEU B 54 -7.78 -18.15 3.38
C LEU B 54 -8.31 -19.58 3.40
N ALA B 55 -9.48 -19.81 2.80
CA ALA B 55 -10.11 -21.12 2.66
C ALA B 55 -10.40 -21.80 4.00
N SER B 56 -10.22 -21.10 5.11
CA SER B 56 -10.53 -21.67 6.42
C SER B 56 -11.14 -20.65 7.37
N ASN B 57 -11.39 -19.42 6.93
CA ASN B 57 -11.90 -18.36 7.79
C ASN B 57 -13.17 -17.79 7.17
N LEU B 58 -14.29 -17.98 7.87
CA LEU B 58 -15.57 -17.45 7.38
C LEU B 58 -15.63 -15.94 7.54
N GLU B 59 -16.48 -15.33 6.73
CA GLU B 59 -16.70 -13.88 6.76
C GLU B 59 -17.90 -13.56 7.64
N SER B 60 -17.97 -12.30 8.07
CA SER B 60 -19.11 -11.84 8.83
C SER B 60 -20.37 -11.87 7.97
N GLY B 61 -21.51 -12.08 8.62
CA GLY B 61 -22.78 -12.22 7.93
C GLY B 61 -22.82 -13.44 7.04
N VAL B 62 -22.33 -14.56 7.55
CA VAL B 62 -22.31 -15.82 6.81
C VAL B 62 -22.89 -16.91 7.69
N PRO B 63 -23.85 -17.70 7.19
CA PRO B 63 -24.46 -18.75 8.02
C PRO B 63 -23.44 -19.81 8.43
N ALA B 64 -23.80 -20.55 9.46
CA ALA B 64 -22.94 -21.63 9.96
C ALA B 64 -22.85 -22.80 8.99
N ARG B 65 -23.66 -22.81 7.93
CA ARG B 65 -23.59 -23.89 6.95
C ARG B 65 -22.25 -23.90 6.24
N PHE B 66 -21.67 -22.73 6.03
CA PHE B 66 -20.41 -22.62 5.28
C PHE B 66 -19.27 -23.30 6.04
N SER B 67 -18.37 -23.91 5.28
CA SER B 67 -17.20 -24.59 5.83
C SER B 67 -16.14 -24.67 4.76
N GLY B 68 -14.89 -24.44 5.15
CA GLY B 68 -13.77 -24.52 4.24
C GLY B 68 -12.64 -25.34 4.83
N SER B 69 -11.91 -26.00 3.94
CA SER B 69 -10.80 -26.87 4.34
C SER B 69 -9.97 -27.16 3.10
N GLY B 70 -8.88 -27.89 3.29
CA GLY B 70 -7.97 -28.26 2.23
C GLY B 70 -6.52 -28.08 2.65
N SER B 71 -5.63 -28.82 1.98
CA SER B 71 -4.21 -28.80 2.30
C SER B 71 -3.39 -28.57 1.02
N ARG B 72 -3.27 -27.30 0.63
CA ARG B 72 -2.27 -26.82 -0.31
C ARG B 72 -2.51 -27.28 -1.75
N THR B 73 -3.44 -28.20 -1.96
CA THR B 73 -3.74 -28.64 -3.32
C THR B 73 -5.23 -28.71 -3.64
N ASP B 74 -6.09 -29.02 -2.67
CA ASP B 74 -7.52 -29.08 -2.90
C ASP B 74 -8.26 -28.18 -1.93
N PHE B 75 -9.46 -27.77 -2.30
CA PHE B 75 -10.27 -26.91 -1.45
C PHE B 75 -11.74 -27.21 -1.69
N THR B 76 -12.40 -27.72 -0.66
CA THR B 76 -13.81 -28.08 -0.73
C THR B 76 -14.64 -27.06 0.06
N LEU B 77 -15.67 -26.54 -0.60
CA LEU B 77 -16.62 -25.62 0.02
C LEU B 77 -17.80 -26.44 0.51
N THR B 78 -17.95 -26.53 1.83
CA THR B 78 -18.95 -27.40 2.46
C THR B 78 -20.08 -26.53 3.02
N ILE B 79 -21.27 -26.67 2.43
CA ILE B 79 -22.47 -26.01 2.93
C ILE B 79 -23.43 -27.09 3.40
N ASP B 80 -23.85 -27.00 4.67
CA ASP B 80 -24.74 -28.00 5.23
C ASP B 80 -25.62 -27.35 6.30
N PRO B 81 -26.95 -27.45 6.17
CA PRO B 81 -27.64 -28.13 5.08
C PRO B 81 -27.72 -27.31 3.79
N VAL B 82 -28.45 -27.80 2.81
CA VAL B 82 -28.62 -27.13 1.52
C VAL B 82 -29.96 -26.41 1.56
N GLN B 83 -29.93 -25.10 1.28
CA GLN B 83 -31.11 -24.26 1.31
C GLN B 83 -31.41 -23.71 -0.08
N ALA B 84 -32.65 -23.29 -0.28
CA ALA B 84 -33.07 -22.78 -1.59
C ALA B 84 -32.39 -21.45 -1.90
N GLU B 85 -32.31 -20.55 -0.90
CA GLU B 85 -31.65 -19.28 -1.10
C GLU B 85 -30.16 -19.41 -1.33
N ASP B 86 -29.58 -20.58 -1.05
CA ASP B 86 -28.17 -20.82 -1.30
C ASP B 86 -27.86 -21.18 -2.75
N ALA B 87 -28.89 -21.25 -3.60
CA ALA B 87 -28.70 -21.64 -5.00
C ALA B 87 -28.08 -20.47 -5.77
N ALA B 88 -26.75 -20.40 -5.70
CA ALA B 88 -25.99 -19.39 -6.40
C ALA B 88 -24.66 -19.99 -6.85
N THR B 89 -24.23 -19.61 -8.06
CA THR B 89 -22.98 -20.13 -8.60
C THR B 89 -21.80 -19.60 -7.81
N TYR B 90 -20.86 -20.48 -7.47
CA TYR B 90 -19.70 -20.10 -6.69
C TYR B 90 -18.45 -20.12 -7.57
N TYR B 91 -17.44 -19.35 -7.14
CA TYR B 91 -16.19 -19.24 -7.89
C TYR B 91 -15.03 -19.23 -6.89
N CYS B 92 -14.23 -20.30 -6.91
CA CYS B 92 -13.01 -20.30 -6.12
C CYS B 92 -11.94 -19.44 -6.79
N GLN B 93 -11.23 -18.67 -5.97
CA GLN B 93 -10.28 -17.70 -6.50
C GLN B 93 -9.05 -17.68 -5.60
N GLN B 94 -7.88 -17.61 -6.23
CA GLN B 94 -6.61 -17.57 -5.51
C GLN B 94 -5.90 -16.26 -5.81
N ASN B 95 -5.13 -15.78 -4.82
CA ASN B 95 -4.28 -14.61 -4.97
C ASN B 95 -2.88 -14.88 -4.44
N ALA B 96 -2.44 -16.13 -4.53
CA ALA B 96 -1.13 -16.53 -4.06
C ALA B 96 -0.01 -16.19 -5.03
N GLU B 97 -0.29 -15.46 -6.09
CA GLU B 97 0.71 -15.07 -7.07
C GLU B 97 0.44 -13.63 -7.49
N ASP B 98 1.25 -13.13 -8.42
CA ASP B 98 1.07 -11.78 -8.92
C ASP B 98 -0.15 -11.65 -9.82
N SER B 99 -0.66 -12.77 -10.34
CA SER B 99 -1.80 -12.78 -11.24
C SER B 99 -2.85 -13.75 -10.71
N ARG B 100 -3.98 -13.21 -10.27
CA ARG B 100 -5.07 -14.05 -9.80
C ARG B 100 -5.71 -14.79 -10.97
N THR B 101 -6.47 -15.84 -10.64
CA THR B 101 -7.16 -16.62 -11.65
C THR B 101 -8.33 -17.33 -11.00
N PHE B 102 -9.54 -17.00 -11.43
CA PHE B 102 -10.73 -17.61 -10.87
C PHE B 102 -10.90 -19.03 -11.37
N GLY B 103 -11.68 -19.82 -10.64
CA GLY B 103 -11.94 -21.19 -11.01
C GLY B 103 -12.87 -21.30 -12.21
N GLY B 104 -13.36 -22.52 -12.42
CA GLY B 104 -14.25 -22.81 -13.51
C GLY B 104 -15.71 -22.60 -13.23
N GLY B 105 -16.06 -22.11 -12.04
CA GLY B 105 -17.45 -21.88 -11.69
C GLY B 105 -18.19 -23.15 -11.34
N THR B 106 -19.17 -23.04 -10.45
CA THR B 106 -19.97 -24.18 -10.01
C THR B 106 -21.37 -23.66 -9.70
N LYS B 107 -22.27 -23.79 -10.67
CA LYS B 107 -23.65 -23.38 -10.48
C LYS B 107 -24.38 -24.37 -9.58
N LEU B 108 -25.05 -23.85 -8.55
CA LEU B 108 -25.76 -24.67 -7.59
C LEU B 108 -27.24 -24.36 -7.65
N GLU B 109 -28.06 -25.40 -7.52
CA GLU B 109 -29.51 -25.26 -7.55
C GLU B 109 -30.12 -26.45 -6.83
N ILE B 110 -31.43 -26.39 -6.65
CA ILE B 110 -32.17 -27.41 -5.93
C ILE B 110 -32.77 -28.37 -6.96
N LYS B 111 -32.57 -29.66 -6.75
CA LYS B 111 -33.00 -30.69 -7.69
C LYS B 111 -34.37 -31.25 -7.30
N GLY B 112 -35.15 -31.55 -8.33
CA GLY B 112 -36.47 -32.16 -8.12
C GLY B 112 -37.43 -31.28 -7.34
N GLY B 113 -37.52 -30.01 -7.69
CA GLY B 113 -38.34 -29.08 -6.94
C GLY B 113 -37.77 -28.86 -5.56
N GLY B 114 -38.45 -29.40 -4.54
CA GLY B 114 -37.90 -29.40 -3.19
C GLY B 114 -38.53 -28.36 -2.29
N GLY B 115 -38.73 -27.15 -2.82
CA GLY B 115 -39.30 -26.06 -2.05
C GLY B 115 -38.52 -25.73 -0.79
N GLY B 116 -39.17 -25.01 0.12
CA GLY B 116 -38.59 -24.68 1.41
C GLY B 116 -39.60 -24.78 2.52
N GLY B 117 -40.56 -25.69 2.36
CA GLY B 117 -41.67 -25.80 3.30
C GLY B 117 -42.96 -25.25 2.74
N GLY B 118 -43.21 -25.51 1.46
CA GLY B 118 -44.41 -25.03 0.81
C GLY B 118 -44.34 -23.57 0.39
N ASP B 119 -43.44 -23.25 -0.55
CA ASP B 119 -43.26 -21.89 -1.03
C ASP B 119 -44.43 -21.54 -1.96
N ILE B 120 -45.53 -21.09 -1.34
CA ILE B 120 -46.68 -20.68 -2.12
C ILE B 120 -46.33 -19.42 -2.91
N GLN B 121 -46.96 -19.28 -4.08
CA GLN B 121 -46.72 -18.11 -4.92
C GLN B 121 -47.96 -17.85 -5.75
N MET B 122 -48.32 -16.56 -5.86
CA MET B 122 -49.51 -16.15 -6.58
C MET B 122 -49.11 -15.25 -7.74
N THR B 123 -49.49 -15.65 -8.95
CA THR B 123 -49.23 -14.88 -10.17
C THR B 123 -50.59 -14.59 -10.81
N GLN B 124 -51.15 -13.43 -10.51
CA GLN B 124 -52.46 -13.02 -10.98
C GLN B 124 -52.33 -12.01 -12.11
N SER B 125 -53.46 -11.71 -12.74
CA SER B 125 -53.53 -10.75 -13.84
C SER B 125 -54.97 -10.26 -13.98
N PRO B 126 -55.19 -9.00 -14.43
CA PRO B 126 -54.15 -8.03 -14.77
C PRO B 126 -53.73 -7.16 -13.59
N ALA B 127 -52.65 -6.40 -13.77
CA ALA B 127 -52.22 -5.47 -12.72
C ALA B 127 -53.06 -4.20 -12.71
N SER B 128 -53.58 -3.78 -13.87
CA SER B 128 -54.43 -2.60 -13.99
C SER B 128 -55.48 -2.89 -15.04
N LEU B 129 -56.73 -3.02 -14.62
CA LEU B 129 -57.83 -3.37 -15.51
C LEU B 129 -58.64 -2.13 -15.89
N SER B 130 -59.24 -2.18 -17.07
CA SER B 130 -60.06 -1.08 -17.59
C SER B 130 -61.49 -1.32 -17.12
N VAL B 131 -61.85 -0.72 -15.99
CA VAL B 131 -63.17 -0.86 -15.40
C VAL B 131 -63.70 0.51 -15.02
N SER B 132 -64.97 0.76 -15.35
CA SER B 132 -65.62 2.03 -15.05
C SER B 132 -66.12 2.03 -13.61
N VAL B 133 -66.95 3.02 -13.27
CA VAL B 133 -67.50 3.13 -11.93
C VAL B 133 -68.96 2.69 -11.96
N GLY B 134 -69.34 1.92 -10.94
CA GLY B 134 -70.70 1.45 -10.82
C GLY B 134 -70.97 0.09 -11.44
N ASP B 135 -69.94 -0.65 -11.81
CA ASP B 135 -70.08 -1.96 -12.41
C ASP B 135 -69.39 -3.01 -11.53
N THR B 136 -69.64 -4.27 -11.87
CA THR B 136 -69.05 -5.39 -11.16
C THR B 136 -67.70 -5.74 -11.78
N ILE B 137 -66.66 -5.82 -10.96
CA ILE B 137 -65.32 -6.17 -11.39
C ILE B 137 -65.01 -7.57 -10.87
N THR B 138 -64.76 -8.50 -11.80
CA THR B 138 -64.43 -9.88 -11.44
C THR B 138 -62.92 -10.05 -11.61
N LEU B 139 -62.21 -10.11 -10.50
CA LEU B 139 -60.77 -10.25 -10.52
C LEU B 139 -60.37 -11.72 -10.60
N THR B 140 -59.09 -11.94 -10.93
CA THR B 140 -58.56 -13.28 -11.10
C THR B 140 -57.49 -13.56 -10.05
N CYS B 141 -57.33 -14.84 -9.71
CA CYS B 141 -56.34 -15.27 -8.75
C CYS B 141 -55.80 -16.62 -9.18
N HIS B 142 -54.52 -16.86 -8.91
CA HIS B 142 -53.87 -18.12 -9.28
C HIS B 142 -52.76 -18.41 -8.27
N ALA B 143 -52.91 -19.49 -7.52
CA ALA B 143 -51.91 -19.92 -6.56
C ALA B 143 -51.04 -21.02 -7.16
N SER B 144 -49.99 -21.38 -6.42
CA SER B 144 -49.08 -22.43 -6.88
C SER B 144 -49.50 -23.79 -6.35
N GLN B 145 -49.60 -23.93 -5.03
CA GLN B 145 -49.97 -25.20 -4.40
C GLN B 145 -51.43 -25.19 -3.99
N ASN B 146 -51.91 -26.35 -3.55
CA ASN B 146 -53.30 -26.53 -3.17
C ASN B 146 -53.47 -26.30 -1.67
N ILE B 147 -54.48 -25.51 -1.31
CA ILE B 147 -54.80 -25.24 0.09
C ILE B 147 -56.27 -25.58 0.33
N ASP B 148 -57.14 -25.01 -0.49
CA ASP B 148 -58.59 -25.22 -0.58
C ASP B 148 -59.35 -24.59 0.58
N VAL B 149 -58.70 -24.10 1.64
CA VAL B 149 -59.44 -23.53 2.76
C VAL B 149 -58.85 -22.21 3.20
N TRP B 150 -57.60 -21.93 2.86
CA TRP B 150 -56.88 -20.77 3.39
C TRP B 150 -56.27 -19.97 2.24
N LEU B 151 -56.95 -18.90 1.85
CA LEU B 151 -56.38 -17.87 0.99
C LEU B 151 -57.16 -16.58 1.24
N SER B 152 -56.58 -15.67 2.01
CA SER B 152 -57.27 -14.44 2.37
C SER B 152 -57.41 -13.53 1.15
N TRP B 153 -58.37 -12.61 1.24
CA TRP B 153 -58.69 -11.66 0.19
C TRP B 153 -58.52 -10.25 0.75
N PHE B 154 -57.31 -9.72 0.66
CA PHE B 154 -57.02 -8.40 1.21
C PHE B 154 -57.29 -7.31 0.17
N GLN B 155 -57.44 -6.09 0.68
CA GLN B 155 -57.68 -4.93 -0.18
C GLN B 155 -57.12 -3.70 0.52
N GLN B 156 -56.36 -2.89 -0.22
CA GLN B 156 -55.69 -1.74 0.37
C GLN B 156 -55.83 -0.54 -0.56
N LYS B 157 -56.15 0.61 0.02
CA LYS B 157 -56.16 1.84 -0.75
C LYS B 157 -54.74 2.23 -1.12
N PRO B 158 -54.51 2.81 -2.30
CA PRO B 158 -53.15 3.20 -2.66
C PRO B 158 -52.58 4.20 -1.68
N GLY B 159 -51.55 3.77 -0.94
CA GLY B 159 -50.97 4.62 0.09
C GLY B 159 -51.71 4.60 1.40
N ASN B 160 -52.22 3.44 1.82
CA ASN B 160 -52.98 3.33 3.05
C ASN B 160 -52.74 1.94 3.64
N ILE B 161 -53.58 1.56 4.60
CA ILE B 161 -53.44 0.26 5.28
C ILE B 161 -54.33 -0.76 4.59
N PRO B 162 -54.00 -2.05 4.68
CA PRO B 162 -54.82 -3.06 4.02
C PRO B 162 -56.09 -3.39 4.81
N LYS B 163 -57.05 -3.98 4.09
CA LYS B 163 -58.32 -4.40 4.67
C LYS B 163 -58.66 -5.79 4.15
N LEU B 164 -59.03 -6.69 5.06
CA LEU B 164 -59.40 -8.05 4.71
C LEU B 164 -60.89 -8.10 4.36
N LEU B 165 -61.23 -8.91 3.36
CA LEU B 165 -62.60 -9.01 2.87
C LEU B 165 -63.23 -10.36 3.14
N ILE B 166 -62.58 -11.45 2.76
CA ILE B 166 -63.12 -12.80 2.90
C ILE B 166 -62.08 -13.68 3.58
N TYR B 167 -62.51 -14.40 4.61
CA TYR B 167 -61.68 -15.40 5.27
C TYR B 167 -62.26 -16.79 5.04
N LYS B 168 -61.40 -17.80 5.16
CA LYS B 168 -61.72 -19.19 4.84
C LYS B 168 -62.15 -19.37 3.39
N ALA B 169 -61.89 -18.35 2.55
CA ALA B 169 -62.17 -18.36 1.12
C ALA B 169 -63.65 -18.38 0.82
N SER B 170 -64.50 -18.51 1.84
CA SER B 170 -65.94 -18.48 1.66
C SER B 170 -66.70 -17.62 2.66
N ASN B 171 -66.14 -17.34 3.83
CA ASN B 171 -66.87 -16.62 4.87
C ASN B 171 -66.50 -15.13 4.83
N LEU B 172 -67.51 -14.28 4.97
CA LEU B 172 -67.31 -12.85 4.91
C LEU B 172 -66.79 -12.33 6.25
N HIS B 173 -65.99 -11.27 6.19
CA HIS B 173 -65.26 -10.76 7.35
C HIS B 173 -66.20 -9.96 8.25
N THR B 174 -65.63 -9.23 9.21
CA THR B 174 -66.39 -8.42 10.16
C THR B 174 -66.35 -6.97 9.70
N GLY B 175 -67.47 -6.50 9.13
CA GLY B 175 -67.60 -5.14 8.68
C GLY B 175 -67.53 -4.94 7.18
N VAL B 176 -67.37 -6.01 6.41
CA VAL B 176 -67.27 -5.92 4.96
C VAL B 176 -68.69 -5.93 4.37
N PRO B 177 -68.99 -5.04 3.43
CA PRO B 177 -70.31 -5.06 2.78
C PRO B 177 -70.51 -6.34 1.97
N SER B 178 -71.77 -6.58 1.61
CA SER B 178 -72.13 -7.78 0.86
C SER B 178 -71.74 -7.69 -0.61
N ARG B 179 -71.36 -6.51 -1.10
CA ARG B 179 -71.00 -6.34 -2.50
C ARG B 179 -69.65 -6.99 -2.85
N PHE B 180 -68.93 -7.51 -1.86
CA PHE B 180 -67.64 -8.12 -2.07
C PHE B 180 -67.69 -9.58 -1.62
N SER B 181 -67.29 -10.50 -2.51
CA SER B 181 -67.33 -11.92 -2.22
C SER B 181 -66.16 -12.60 -2.93
N GLY B 182 -65.47 -13.48 -2.20
CA GLY B 182 -64.35 -14.23 -2.75
C GLY B 182 -64.71 -15.71 -2.86
N SER B 183 -64.29 -16.30 -3.97
CA SER B 183 -64.55 -17.71 -4.24
C SER B 183 -63.32 -18.37 -4.83
N GLY B 184 -63.21 -19.69 -4.62
CA GLY B 184 -62.10 -20.44 -5.16
C GLY B 184 -61.56 -21.50 -4.23
N SER B 185 -61.21 -22.65 -4.78
CA SER B 185 -60.63 -23.75 -4.00
C SER B 185 -59.55 -24.40 -4.85
N GLY B 186 -58.31 -24.39 -4.35
CA GLY B 186 -57.20 -24.95 -5.08
C GLY B 186 -56.11 -23.93 -5.39
N THR B 187 -55.88 -23.67 -6.67
CA THR B 187 -54.84 -22.74 -7.09
C THR B 187 -55.41 -21.50 -7.76
N GLY B 188 -56.23 -21.66 -8.79
CA GLY B 188 -56.79 -20.52 -9.49
C GLY B 188 -58.15 -20.11 -8.95
N PHE B 189 -58.23 -18.95 -8.31
CA PHE B 189 -59.47 -18.46 -7.74
C PHE B 189 -60.02 -17.33 -8.59
N THR B 190 -61.15 -16.78 -8.15
CA THR B 190 -61.80 -15.67 -8.82
C THR B 190 -62.51 -14.81 -7.79
N LEU B 191 -62.25 -13.50 -7.86
CA LEU B 191 -62.87 -12.55 -6.95
C LEU B 191 -64.12 -11.95 -7.58
N THR B 192 -65.08 -11.61 -6.71
CA THR B 192 -66.35 -11.03 -7.14
C THR B 192 -66.58 -9.75 -6.35
N ILE B 193 -66.32 -8.60 -6.98
CA ILE B 193 -66.53 -7.29 -6.38
C ILE B 193 -67.55 -6.56 -7.24
N SER B 194 -68.74 -6.34 -6.68
CA SER B 194 -69.83 -5.71 -7.39
C SER B 194 -70.04 -4.28 -6.94
N SER B 195 -70.62 -3.46 -7.82
CA SER B 195 -70.96 -2.06 -7.55
C SER B 195 -69.71 -1.27 -7.15
N LEU B 196 -68.81 -1.16 -8.12
CA LEU B 196 -67.57 -0.40 -7.92
C LEU B 196 -67.90 1.05 -7.60
N GLN B 197 -67.31 1.54 -6.51
CA GLN B 197 -67.54 2.88 -6.00
C GLN B 197 -66.24 3.64 -5.97
N PRO B 198 -66.29 4.97 -5.80
CA PRO B 198 -65.03 5.73 -5.63
C PRO B 198 -64.14 5.20 -4.53
N GLU B 199 -64.73 4.71 -3.44
CA GLU B 199 -63.97 4.10 -2.36
C GLU B 199 -63.58 2.65 -2.65
N ASP B 200 -63.98 2.12 -3.80
CA ASP B 200 -63.60 0.78 -4.20
C ASP B 200 -62.42 0.76 -5.16
N ILE B 201 -61.98 1.93 -5.64
CA ILE B 201 -60.84 2.04 -6.54
C ILE B 201 -59.57 1.96 -5.70
N ALA B 202 -59.05 0.76 -5.51
CA ALA B 202 -57.91 0.56 -4.62
C ALA B 202 -57.10 -0.64 -5.14
N THR B 203 -56.20 -1.15 -4.31
CA THR B 203 -55.39 -2.30 -4.61
C THR B 203 -55.98 -3.54 -3.95
N TYR B 204 -55.63 -4.70 -4.50
CA TYR B 204 -56.15 -5.98 -4.02
C TYR B 204 -55.02 -6.99 -3.94
N TYR B 205 -55.00 -7.73 -2.83
CA TYR B 205 -53.93 -8.69 -2.58
C TYR B 205 -54.55 -9.97 -2.01
N CYS B 206 -53.69 -10.94 -1.75
CA CYS B 206 -54.11 -12.23 -1.20
C CYS B 206 -52.96 -12.79 -0.37
N GLN B 207 -53.29 -13.80 0.44
CA GLN B 207 -52.29 -14.47 1.25
C GLN B 207 -52.87 -15.77 1.78
N GLN B 208 -52.01 -16.78 1.92
CA GLN B 208 -52.41 -18.09 2.39
C GLN B 208 -52.04 -18.26 3.86
N ALA B 209 -52.80 -19.13 4.54
CA ALA B 209 -52.61 -19.40 5.95
C ALA B 209 -52.48 -20.90 6.22
N HIS B 210 -51.74 -21.61 5.38
CA HIS B 210 -51.56 -23.05 5.52
C HIS B 210 -50.17 -23.43 6.01
N SER B 211 -49.12 -23.01 5.30
CA SER B 211 -47.76 -23.41 5.60
C SER B 211 -46.88 -22.16 5.73
N TYR B 212 -46.23 -22.01 6.87
CA TYR B 212 -45.27 -20.94 7.05
C TYR B 212 -44.03 -21.22 6.20
N PRO B 213 -43.40 -20.19 5.61
CA PRO B 213 -43.77 -18.78 5.70
C PRO B 213 -45.02 -18.42 4.89
N PHE B 214 -45.99 -17.79 5.56
CA PHE B 214 -47.21 -17.39 4.87
C PHE B 214 -46.91 -16.33 3.83
N THR B 215 -47.09 -16.69 2.55
CA THR B 215 -46.76 -15.82 1.44
C THR B 215 -47.96 -14.98 1.06
N PHE B 216 -47.70 -13.83 0.43
CA PHE B 216 -48.73 -12.90 0.04
C PHE B 216 -48.84 -12.83 -1.48
N GLY B 217 -50.04 -12.52 -1.96
CA GLY B 217 -50.29 -12.47 -3.38
C GLY B 217 -49.53 -11.36 -4.07
N GLY B 218 -49.58 -11.39 -5.41
CA GLY B 218 -48.89 -10.40 -6.22
C GLY B 218 -49.49 -9.02 -6.08
N GLY B 219 -50.72 -8.84 -6.55
CA GLY B 219 -51.40 -7.57 -6.40
C GLY B 219 -52.10 -7.08 -7.65
N THR B 220 -53.34 -6.63 -7.49
CA THR B 220 -54.12 -6.03 -8.55
C THR B 220 -54.45 -4.60 -8.15
N LYS B 221 -54.20 -3.66 -9.06
CA LYS B 221 -54.34 -2.25 -8.76
C LYS B 221 -55.27 -1.59 -9.77
N LEU B 222 -55.76 -0.41 -9.41
CA LEU B 222 -56.66 0.36 -10.26
C LEU B 222 -56.70 1.78 -9.75
N GLU B 223 -56.46 2.75 -10.64
CA GLU B 223 -56.43 4.16 -10.26
C GLU B 223 -57.56 4.95 -10.91
N ILE B 224 -57.67 4.94 -12.24
CA ILE B 224 -58.72 5.67 -12.94
C ILE B 224 -58.78 5.18 -14.38
N LYS B 225 -59.97 5.24 -14.98
CA LYS B 225 -60.15 4.83 -16.37
C LYS B 225 -61.52 5.32 -16.85
N GLY B 226 -61.59 5.61 -18.13
CA GLY B 226 -62.82 6.07 -18.75
C GLY B 226 -62.74 7.55 -19.13
N GLY B 227 -63.50 7.89 -20.17
CA GLY B 227 -63.54 9.26 -20.65
C GLY B 227 -64.77 9.54 -21.48
N GLY B 228 -65.47 10.64 -21.18
CA GLY B 228 -66.67 11.00 -21.90
C GLY B 228 -66.40 11.66 -23.23
N GLY B 229 -67.25 12.63 -23.59
CA GLY B 229 -67.10 13.32 -24.85
C GLY B 229 -66.42 14.67 -24.69
N GLY B 230 -67.21 15.75 -24.73
CA GLY B 230 -66.67 17.09 -24.62
C GLY B 230 -65.94 17.36 -23.32
N ARG B 231 -66.22 16.57 -22.27
CA ARG B 231 -65.54 16.77 -21.00
C ARG B 231 -64.04 16.48 -21.13
N THR B 232 -63.69 15.38 -21.79
CA THR B 232 -62.28 15.08 -22.04
C THR B 232 -61.74 15.87 -23.24
N VAL B 233 -62.59 16.19 -24.21
CA VAL B 233 -62.18 16.99 -25.34
C VAL B 233 -61.72 18.35 -24.85
N ALA B 234 -60.44 18.66 -25.07
CA ALA B 234 -59.85 19.92 -24.64
C ALA B 234 -59.36 20.69 -25.85
N ALA B 235 -59.45 22.01 -25.78
CA ALA B 235 -58.96 22.86 -26.85
C ALA B 235 -57.45 22.64 -27.00
N PRO B 236 -56.97 22.27 -28.19
CA PRO B 236 -55.54 21.99 -28.37
C PRO B 236 -54.66 23.19 -28.06
N SER B 237 -53.85 23.06 -27.01
CA SER B 237 -52.88 24.09 -26.67
C SER B 237 -51.73 24.04 -27.65
N VAL B 238 -51.74 24.92 -28.65
CA VAL B 238 -50.76 24.88 -29.71
C VAL B 238 -49.44 25.46 -29.20
N PHE B 239 -48.34 24.78 -29.53
CA PHE B 239 -47.00 25.23 -29.20
C PHE B 239 -46.10 25.12 -30.42
N ILE B 240 -45.19 26.07 -30.59
CA ILE B 240 -44.22 26.05 -31.67
C ILE B 240 -42.85 26.38 -31.11
N PHE B 241 -41.81 26.01 -31.85
CA PHE B 241 -40.45 26.19 -31.40
C PHE B 241 -39.56 26.71 -32.53
N PRO B 242 -38.67 27.66 -32.23
CA PRO B 242 -37.72 28.13 -33.24
C PRO B 242 -36.67 27.08 -33.51
N PRO B 243 -35.87 27.23 -34.57
CA PRO B 243 -34.81 26.26 -34.83
C PRO B 243 -33.75 26.27 -33.74
N SER B 244 -33.14 25.13 -33.52
CA SER B 244 -32.12 24.97 -32.49
C SER B 244 -30.76 25.37 -33.03
N ASP B 245 -29.99 26.12 -32.23
CA ASP B 245 -28.69 26.58 -32.67
C ASP B 245 -27.71 25.42 -32.84
N GLU B 246 -27.80 24.40 -31.99
CA GLU B 246 -26.92 23.24 -32.10
C GLU B 246 -27.09 22.50 -33.41
N GLN B 247 -28.26 22.61 -34.05
CA GLN B 247 -28.49 22.03 -35.37
C GLN B 247 -28.22 23.02 -36.49
N LEU B 248 -28.56 24.30 -36.30
CA LEU B 248 -28.28 25.32 -37.30
C LEU B 248 -26.78 25.43 -37.57
N LYS B 249 -25.96 25.37 -36.50
CA LYS B 249 -24.52 25.42 -36.68
C LYS B 249 -23.99 24.15 -37.33
N SER B 250 -24.79 23.09 -37.42
CA SER B 250 -24.38 21.84 -38.03
C SER B 250 -24.72 21.78 -39.52
N GLY B 251 -25.55 22.69 -40.02
CA GLY B 251 -25.87 22.74 -41.44
C GLY B 251 -27.29 22.38 -41.81
N THR B 252 -28.11 21.94 -40.85
CA THR B 252 -29.50 21.58 -41.11
C THR B 252 -30.38 22.23 -40.05
N ALA B 253 -31.68 21.96 -40.13
CA ALA B 253 -32.64 22.55 -39.20
C ALA B 253 -33.90 21.70 -39.20
N SER B 254 -34.22 21.10 -38.06
CA SER B 254 -35.43 20.32 -37.89
C SER B 254 -36.40 21.12 -37.04
N VAL B 255 -37.54 21.50 -37.61
CA VAL B 255 -38.52 22.33 -36.93
C VAL B 255 -39.73 21.47 -36.57
N VAL B 256 -40.35 21.81 -35.44
CA VAL B 256 -41.48 21.05 -34.93
C VAL B 256 -42.35 21.98 -34.10
N CYS B 257 -43.66 21.85 -34.28
CA CYS B 257 -44.64 22.48 -33.42
C CYS B 257 -45.29 21.42 -32.54
N LEU B 258 -45.83 21.84 -31.40
CA LEU B 258 -46.26 20.94 -30.34
C LEU B 258 -47.72 21.14 -30.05
N LEU B 259 -48.50 20.05 -30.09
CA LEU B 259 -49.89 20.05 -29.63
C LEU B 259 -49.87 19.41 -28.25
N ASN B 260 -49.83 20.24 -27.22
CA ASN B 260 -49.55 19.75 -25.87
C ASN B 260 -50.72 18.97 -25.29
N ASN B 261 -51.90 19.58 -25.21
CA ASN B 261 -53.03 18.97 -24.54
C ASN B 261 -54.28 19.12 -25.40
N PHE B 262 -54.93 17.99 -25.72
CA PHE B 262 -56.12 17.98 -26.55
C PHE B 262 -56.70 16.56 -26.51
N TYR B 263 -57.90 16.42 -27.06
CA TYR B 263 -58.62 15.15 -27.14
C TYR B 263 -59.77 15.30 -28.12
N PRO B 264 -60.04 14.31 -28.98
CA PRO B 264 -59.38 13.00 -29.08
C PRO B 264 -58.08 13.01 -29.89
N ARG B 265 -57.66 11.81 -30.31
CA ARG B 265 -56.38 11.67 -31.01
C ARG B 265 -56.44 12.24 -32.42
N GLU B 266 -57.61 12.22 -33.04
CA GLU B 266 -57.74 12.57 -34.46
C GLU B 266 -57.47 14.05 -34.63
N ALA B 267 -56.24 14.38 -35.04
CA ALA B 267 -55.82 15.76 -35.25
C ALA B 267 -54.83 15.77 -36.42
N LYS B 268 -55.34 16.08 -37.61
CA LYS B 268 -54.53 16.03 -38.84
C LYS B 268 -53.59 17.23 -38.86
N VAL B 269 -52.33 16.98 -38.53
CA VAL B 269 -51.34 18.05 -38.49
C VAL B 269 -50.78 18.28 -39.90
N GLN B 270 -50.64 19.57 -40.26
CA GLN B 270 -50.06 19.97 -41.52
C GLN B 270 -48.98 21.01 -41.26
N TRP B 271 -48.45 21.59 -42.34
CA TRP B 271 -47.42 22.61 -42.25
C TRP B 271 -47.52 23.55 -43.44
N LYS B 272 -47.05 24.78 -43.23
CA LYS B 272 -46.98 25.78 -44.29
C LYS B 272 -45.52 26.22 -44.44
N VAL B 273 -44.89 25.79 -45.54
CA VAL B 273 -43.49 26.17 -45.80
C VAL B 273 -43.56 27.54 -46.46
N ASP B 274 -43.55 28.57 -45.63
CA ASP B 274 -43.76 29.96 -46.05
C ASP B 274 -45.08 30.09 -46.81
N ASN B 275 -46.15 29.78 -46.08
CA ASN B 275 -47.54 29.78 -46.55
C ASN B 275 -47.82 28.72 -47.60
N ALA B 276 -46.87 27.82 -47.87
CA ALA B 276 -47.03 26.77 -48.86
C ALA B 276 -47.11 25.43 -48.14
N LEU B 277 -48.19 24.69 -48.36
CA LEU B 277 -48.39 23.39 -47.75
C LEU B 277 -47.82 22.29 -48.64
N GLN B 278 -47.32 21.24 -48.00
CA GLN B 278 -46.75 20.11 -48.72
C GLN B 278 -46.79 18.89 -47.83
N SER B 279 -47.18 17.75 -48.41
CA SER B 279 -47.26 16.48 -47.69
C SER B 279 -45.99 15.68 -47.99
N GLY B 280 -44.96 15.93 -47.18
CA GLY B 280 -43.68 15.27 -47.36
C GLY B 280 -43.13 14.70 -46.07
N ASN B 281 -41.90 15.10 -45.73
CA ASN B 281 -41.24 14.62 -44.52
C ASN B 281 -41.85 15.31 -43.29
N SER B 282 -43.05 14.85 -42.95
CA SER B 282 -43.81 15.38 -41.81
C SER B 282 -44.35 14.20 -41.02
N GLN B 283 -43.60 13.77 -40.02
CA GLN B 283 -44.00 12.63 -39.20
C GLN B 283 -45.13 13.04 -38.25
N GLU B 284 -45.63 12.06 -37.49
CA GLU B 284 -46.70 12.31 -36.54
C GLU B 284 -46.43 11.47 -35.30
N SER B 285 -45.79 12.10 -34.30
CA SER B 285 -45.47 11.44 -33.04
C SER B 285 -46.69 11.50 -32.14
N VAL B 286 -47.22 10.34 -31.79
CA VAL B 286 -48.46 10.23 -31.03
C VAL B 286 -48.14 9.70 -29.65
N THR B 287 -48.76 10.27 -28.63
CA THR B 287 -48.62 9.79 -27.27
C THR B 287 -49.85 8.98 -26.86
N GLU B 288 -49.68 8.20 -25.79
CA GLU B 288 -50.81 7.48 -25.23
C GLU B 288 -51.78 8.45 -24.54
N GLN B 289 -52.90 7.91 -24.11
CA GLN B 289 -53.88 8.70 -23.36
C GLN B 289 -53.26 9.24 -22.09
N ASP B 290 -53.40 10.54 -21.87
CA ASP B 290 -52.75 11.20 -20.74
C ASP B 290 -53.22 10.59 -19.42
N SER B 291 -52.27 10.41 -18.50
CA SER B 291 -52.57 9.85 -17.19
C SER B 291 -53.18 10.86 -16.24
N LYS B 292 -53.34 12.12 -16.65
CA LYS B 292 -53.92 13.16 -15.81
C LYS B 292 -55.38 13.44 -16.16
N ASP B 293 -55.68 13.66 -17.44
CA ASP B 293 -57.03 13.98 -17.86
C ASP B 293 -57.44 13.27 -19.15
N SER B 294 -56.77 12.17 -19.50
CA SER B 294 -57.06 11.39 -20.70
C SER B 294 -56.93 12.20 -21.99
N THR B 295 -56.11 13.24 -21.98
CA THR B 295 -55.90 14.07 -23.16
C THR B 295 -54.84 13.43 -24.05
N TYR B 296 -54.37 14.17 -25.05
CA TYR B 296 -53.39 13.65 -26.00
C TYR B 296 -52.31 14.71 -26.25
N SER B 297 -51.19 14.24 -26.80
CA SER B 297 -50.07 15.12 -27.12
C SER B 297 -49.42 14.60 -28.39
N LEU B 298 -49.40 15.43 -29.43
CA LEU B 298 -48.76 15.11 -30.70
C LEU B 298 -47.82 16.22 -31.10
N SER B 299 -46.68 15.85 -31.68
CA SER B 299 -45.68 16.80 -32.16
C SER B 299 -45.16 16.30 -33.50
N SER B 300 -45.51 17.00 -34.58
CA SER B 300 -45.10 16.62 -35.93
C SER B 300 -43.72 17.18 -36.20
N THR B 301 -42.70 16.33 -36.10
CA THR B 301 -41.33 16.76 -36.30
C THR B 301 -41.03 16.97 -37.78
N LEU B 302 -41.22 18.19 -38.26
CA LEU B 302 -41.00 18.52 -39.68
C LEU B 302 -39.50 18.61 -39.91
N THR B 303 -38.89 17.45 -40.12
CA THR B 303 -37.46 17.39 -40.38
C THR B 303 -37.15 17.87 -41.80
N LEU B 304 -36.18 18.77 -41.90
CA LEU B 304 -35.82 19.39 -43.17
C LEU B 304 -34.41 19.97 -43.01
N SER B 305 -33.96 20.71 -44.02
CA SER B 305 -32.60 21.24 -44.04
C SER B 305 -32.59 22.73 -43.74
N LYS B 306 -31.42 23.22 -43.32
CA LYS B 306 -31.28 24.64 -43.01
C LYS B 306 -31.63 25.52 -44.20
N ALA B 307 -31.32 25.05 -45.41
CA ALA B 307 -31.69 25.79 -46.61
C ALA B 307 -33.20 25.90 -46.75
N ASP B 308 -33.92 24.84 -46.36
CA ASP B 308 -35.38 24.87 -46.42
C ASP B 308 -35.99 25.82 -45.41
N TYR B 309 -35.24 26.27 -44.42
CA TYR B 309 -35.72 27.23 -43.43
C TYR B 309 -35.12 28.62 -43.59
N GLU B 310 -33.85 28.72 -43.98
CA GLU B 310 -33.21 30.02 -44.11
C GLU B 310 -33.80 30.88 -45.21
N LYS B 311 -34.61 30.31 -46.10
CA LYS B 311 -35.29 31.08 -47.14
C LYS B 311 -36.77 31.29 -46.85
N HIS B 312 -37.37 30.47 -46.00
CA HIS B 312 -38.78 30.58 -45.63
C HIS B 312 -38.86 31.29 -44.29
N LYS B 313 -39.33 32.55 -44.32
CA LYS B 313 -39.35 33.38 -43.12
C LYS B 313 -40.34 32.89 -42.08
N VAL B 314 -41.34 32.10 -42.47
CA VAL B 314 -42.37 31.63 -41.55
C VAL B 314 -42.63 30.16 -41.82
N TYR B 315 -42.97 29.42 -40.77
CA TYR B 315 -43.34 28.01 -40.86
C TYR B 315 -44.60 27.81 -40.03
N ALA B 316 -45.75 27.71 -40.69
CA ALA B 316 -47.06 27.64 -40.04
C ALA B 316 -47.55 26.20 -40.09
N CYS B 317 -47.57 25.55 -38.93
CA CYS B 317 -48.13 24.21 -38.84
C CYS B 317 -49.63 24.30 -38.61
N GLU B 318 -50.38 23.52 -39.37
CA GLU B 318 -51.83 23.55 -39.36
C GLU B 318 -52.36 22.22 -38.86
N VAL B 319 -53.38 22.26 -38.01
CA VAL B 319 -53.97 21.05 -37.46
C VAL B 319 -55.49 21.18 -37.45
N THR B 320 -56.16 20.09 -37.81
CA THR B 320 -57.62 20.01 -37.81
C THR B 320 -58.02 18.98 -36.76
N HIS B 321 -58.65 19.44 -35.68
CA HIS B 321 -58.94 18.58 -34.55
C HIS B 321 -60.34 18.90 -34.03
N GLN B 322 -60.96 17.90 -33.40
CA GLN B 322 -62.30 18.04 -32.86
C GLN B 322 -62.39 19.13 -31.80
N GLY B 323 -61.34 19.30 -30.99
CA GLY B 323 -61.34 20.35 -29.99
C GLY B 323 -61.20 21.75 -30.55
N LEU B 324 -60.94 21.87 -31.85
CA LEU B 324 -60.80 23.17 -32.51
C LEU B 324 -62.10 23.51 -33.21
N SER B 325 -62.80 24.52 -32.69
CA SER B 325 -63.92 25.10 -33.43
C SER B 325 -63.43 25.64 -34.76
N SER B 326 -62.42 26.50 -34.72
CA SER B 326 -61.65 26.97 -35.86
C SER B 326 -60.19 26.57 -35.69
N PRO B 327 -59.49 26.22 -36.78
CA PRO B 327 -58.08 25.84 -36.65
C PRO B 327 -57.22 26.95 -36.07
N VAL B 328 -56.67 26.71 -34.88
CA VAL B 328 -55.85 27.72 -34.22
C VAL B 328 -54.45 27.67 -34.82
N THR B 329 -54.05 28.76 -35.47
CA THR B 329 -52.75 28.82 -36.12
C THR B 329 -51.65 29.05 -35.09
N LYS B 330 -50.61 28.21 -35.15
CA LYS B 330 -49.44 28.36 -34.30
C LYS B 330 -48.24 28.66 -35.20
N SER B 331 -47.65 29.84 -35.02
CA SER B 331 -46.63 30.31 -35.93
C SER B 331 -45.66 31.23 -35.21
N PHE B 332 -44.37 30.93 -35.32
CA PHE B 332 -43.33 31.86 -34.88
C PHE B 332 -42.72 32.53 -36.11
N ASN B 333 -41.92 33.57 -35.87
CA ASN B 333 -41.34 34.36 -36.95
C ASN B 333 -39.84 34.45 -36.71
N ARG B 334 -39.16 35.17 -37.60
CA ARG B 334 -37.71 35.36 -37.50
C ARG B 334 -37.27 36.62 -38.22
N TYR C 1 32.95 -12.45 3.40
CA TYR C 1 32.11 -11.27 3.18
C TYR C 1 32.96 -10.14 2.60
N VAL C 2 32.31 -9.13 2.04
CA VAL C 2 33.02 -8.02 1.40
C VAL C 2 32.35 -6.72 1.80
N LEU C 3 33.15 -5.76 2.26
CA LEU C 3 32.70 -4.40 2.53
C LEU C 3 33.74 -3.44 1.98
N THR C 4 33.27 -2.43 1.24
CA THR C 4 34.15 -1.46 0.58
C THR C 4 33.71 -0.06 0.97
N GLN C 5 34.27 0.46 2.05
CA GLN C 5 34.01 1.83 2.45
C GLN C 5 35.10 2.75 1.89
N PRO C 6 34.77 4.03 1.66
CA PRO C 6 35.76 4.96 1.12
C PRO C 6 36.96 5.09 2.04
N PRO C 7 38.18 4.96 1.51
CA PRO C 7 39.37 4.98 2.36
C PRO C 7 39.79 6.38 2.78
N SER C 8 38.99 7.39 2.44
CA SER C 8 39.34 8.76 2.77
C SER C 8 38.08 9.61 2.77
N VAL C 9 37.95 10.46 3.78
CA VAL C 9 36.84 11.40 3.89
C VAL C 9 37.39 12.74 4.34
N SER C 10 37.23 13.77 3.51
CA SER C 10 37.72 15.10 3.78
C SER C 10 36.54 16.02 4.10
N VAL C 11 36.53 16.58 5.31
CA VAL C 11 35.47 17.47 5.76
C VAL C 11 36.09 18.69 6.42
N ALA C 12 35.30 19.77 6.49
CA ALA C 12 35.68 21.03 7.12
C ALA C 12 35.26 21.04 8.58
N PRO C 13 35.99 21.76 9.43
CA PRO C 13 35.64 21.79 10.86
C PRO C 13 34.29 22.45 11.10
N GLY C 14 33.62 21.98 12.15
CA GLY C 14 32.32 22.52 12.54
C GLY C 14 31.14 21.96 11.78
N LYS C 15 31.35 21.37 10.60
CA LYS C 15 30.24 20.82 9.83
C LYS C 15 29.90 19.41 10.29
N THR C 16 29.06 18.72 9.54
CA THR C 16 28.73 17.33 9.80
C THR C 16 29.44 16.43 8.79
N ALA C 17 30.20 15.46 9.29
CA ALA C 17 30.97 14.57 8.45
C ALA C 17 30.22 13.27 8.22
N ARG C 18 30.23 12.81 6.98
CA ARG C 18 29.56 11.57 6.60
C ARG C 18 30.59 10.49 6.33
N ILE C 19 30.39 9.33 6.96
CA ILE C 19 31.26 8.18 6.76
C ILE C 19 30.37 6.95 6.54
N THR C 20 30.30 6.48 5.30
CA THR C 20 29.45 5.35 4.97
C THR C 20 30.29 4.10 4.70
N CYS C 21 29.70 2.95 5.00
CA CYS C 21 30.28 1.66 4.64
C CYS C 21 29.37 1.07 3.56
N GLY C 22 29.64 1.45 2.32
CA GLY C 22 28.80 1.08 1.20
C GLY C 22 29.17 -0.26 0.59
N GLY C 23 28.45 -1.30 0.97
CA GLY C 23 28.74 -2.63 0.48
C GLY C 23 27.50 -3.44 0.12
N ASN C 24 27.43 -4.68 0.62
CA ASN C 24 26.33 -5.59 0.22
C ASN C 24 25.10 -5.36 1.10
N ILE C 25 24.36 -6.43 1.40
CA ILE C 25 23.18 -6.32 2.31
C ILE C 25 23.71 -6.26 3.74
N ILE C 26 24.43 -5.18 4.08
CA ILE C 26 24.95 -5.02 5.46
C ILE C 26 23.85 -4.31 6.25
N GLY C 27 22.88 -3.71 5.57
CA GLY C 27 21.76 -3.10 6.26
C GLY C 27 20.87 -4.10 6.96
N SER C 28 20.83 -5.32 6.43
CA SER C 28 20.14 -6.44 7.07
C SER C 28 20.94 -7.05 8.22
N LYS C 29 22.09 -6.48 8.56
CA LYS C 29 22.94 -6.98 9.63
C LYS C 29 23.28 -5.83 10.55
N LEU C 30 23.53 -6.14 11.83
CA LEU C 30 23.83 -5.10 12.81
C LEU C 30 25.21 -4.50 12.58
N VAL C 31 25.25 -3.33 11.93
CA VAL C 31 26.51 -2.66 11.62
C VAL C 31 27.02 -1.91 12.85
N HIS C 32 28.17 -2.32 13.37
CA HIS C 32 28.80 -1.64 14.48
C HIS C 32 29.81 -0.63 13.94
N TRP C 33 30.53 0.04 14.84
CA TRP C 33 31.53 1.02 14.44
C TRP C 33 32.67 1.00 15.44
N TYR C 34 33.84 1.47 15.00
CA TYR C 34 35.03 1.51 15.85
C TYR C 34 35.94 2.67 15.45
N GLN C 35 36.30 3.51 16.41
CA GLN C 35 37.22 4.62 16.18
C GLN C 35 38.57 4.32 16.82
N GLN C 36 39.63 4.62 16.08
CA GLN C 36 40.99 4.35 16.53
C GLN C 36 41.85 5.58 16.26
N LYS C 37 42.41 6.15 17.32
CA LYS C 37 43.29 7.30 17.19
C LYS C 37 44.72 6.84 16.92
N PRO C 38 45.52 7.68 16.25
CA PRO C 38 46.91 7.30 15.96
C PRO C 38 47.72 7.02 17.23
N GLY C 39 48.16 5.78 17.38
CA GLY C 39 48.95 5.41 18.54
C GLY C 39 48.15 5.03 19.76
N GLN C 40 46.89 4.65 19.60
CA GLN C 40 46.04 4.27 20.72
C GLN C 40 45.18 3.08 20.32
N ALA C 41 44.61 2.43 21.32
CA ALA C 41 43.75 1.29 21.08
C ALA C 41 42.41 1.74 20.51
N PRO C 42 41.85 1.05 19.53
CA PRO C 42 40.53 1.44 19.01
C PRO C 42 39.47 1.36 20.09
N VAL C 43 38.49 2.27 20.01
CA VAL C 43 37.44 2.37 21.00
C VAL C 43 36.09 2.22 20.31
N LEU C 44 35.11 1.69 21.05
CA LEU C 44 33.77 1.49 20.52
C LEU C 44 33.00 2.80 20.56
N VAL C 45 32.33 3.13 19.46
CA VAL C 45 31.57 4.37 19.36
C VAL C 45 30.09 4.06 19.16
N ILE C 46 29.78 3.38 18.06
CA ILE C 46 28.40 3.05 17.71
C ILE C 46 28.29 1.53 17.56
N TYR C 47 27.30 0.95 18.23
CA TYR C 47 26.98 -0.46 18.06
C TYR C 47 25.47 -0.59 17.94
N ASP C 48 25.02 -1.54 17.11
CA ASP C 48 23.60 -1.69 16.76
C ASP C 48 23.05 -0.48 16.03
N ASP C 49 23.95 0.42 15.59
CA ASP C 49 23.67 1.55 14.72
C ASP C 49 22.90 2.67 15.42
N GLY C 50 22.44 2.42 16.65
CA GLY C 50 21.69 3.45 17.35
C GLY C 50 21.89 3.49 18.84
N ASP C 51 22.84 2.70 19.35
CA ASP C 51 23.06 2.55 20.79
C ASP C 51 24.49 3.00 21.11
N ARG C 52 24.61 4.16 21.76
CA ARG C 52 25.90 4.60 22.24
C ARG C 52 26.08 4.17 23.70
N PRO C 53 27.20 3.56 24.04
CA PRO C 53 27.46 3.20 25.44
C PRO C 53 27.82 4.45 26.24
N SER C 54 28.02 4.26 27.54
CA SER C 54 28.31 5.38 28.43
C SER C 54 29.65 6.00 28.09
N GLY C 55 29.76 7.31 28.36
CA GLY C 55 31.00 8.03 28.11
C GLY C 55 31.11 8.55 26.68
N ILE C 56 30.38 7.94 25.76
CA ILE C 56 30.41 8.33 24.36
C ILE C 56 29.73 9.68 24.20
N PRO C 57 30.29 10.62 23.42
CA PRO C 57 29.63 11.92 23.22
C PRO C 57 28.26 11.79 22.59
N GLU C 58 27.49 12.87 22.61
CA GLU C 58 26.12 12.86 22.10
C GLU C 58 26.01 13.20 20.63
N ARG C 59 27.02 13.85 20.05
CA ARG C 59 26.99 14.21 18.64
C ARG C 59 27.18 13.03 17.71
N PHE C 60 27.31 11.81 18.24
CA PHE C 60 27.52 10.61 17.43
C PHE C 60 26.20 9.90 17.18
N SER C 61 26.03 9.40 15.97
CA SER C 61 24.85 8.64 15.60
C SER C 61 25.13 7.91 14.30
N GLY C 62 24.53 6.75 14.14
CA GLY C 62 24.73 5.91 12.97
C GLY C 62 23.44 5.72 12.20
N SER C 63 23.56 5.64 10.88
CA SER C 63 22.42 5.41 10.01
C SER C 63 22.55 4.07 9.30
N ASN C 64 21.41 3.54 8.87
CA ASN C 64 21.38 2.26 8.16
C ASN C 64 20.14 2.25 7.29
N SER C 65 20.32 2.26 5.96
CA SER C 65 19.20 2.30 5.03
C SER C 65 19.48 1.31 3.92
N GLY C 66 19.01 0.07 4.11
CA GLY C 66 19.11 -0.95 3.09
C GLY C 66 20.53 -1.26 2.63
N ASN C 67 20.83 -0.92 1.38
CA ASN C 67 22.12 -1.23 0.77
C ASN C 67 23.23 -0.27 1.20
N THR C 68 22.98 0.59 2.19
CA THR C 68 23.99 1.57 2.57
C THR C 68 23.78 2.05 4.01
N ALA C 69 24.81 1.88 4.85
CA ALA C 69 24.83 2.41 6.20
C ALA C 69 25.84 3.54 6.27
N THR C 70 25.59 4.50 7.16
CA THR C 70 26.40 5.70 7.22
C THR C 70 26.53 6.15 8.67
N LEU C 71 27.69 6.68 9.00
CA LEU C 71 27.97 7.26 10.31
C LEU C 71 27.80 8.77 10.24
N THR C 72 27.14 9.33 11.26
CA THR C 72 26.79 10.75 11.30
C THR C 72 27.50 11.40 12.47
N ILE C 73 28.59 12.11 12.19
CA ILE C 73 29.31 12.89 13.18
C ILE C 73 29.18 14.36 12.82
N SER C 74 28.59 15.14 13.72
CA SER C 74 28.37 16.56 13.53
C SER C 74 29.35 17.36 14.38
N ARG C 75 29.54 18.62 14.01
CA ARG C 75 30.46 19.53 14.70
C ARG C 75 31.87 18.94 14.74
N VAL C 76 32.44 18.82 13.53
CA VAL C 76 33.76 18.21 13.37
C VAL C 76 34.78 18.94 14.23
N GLU C 77 35.43 18.20 15.11
CA GLU C 77 36.44 18.75 16.01
C GLU C 77 37.77 18.05 15.70
N ALA C 78 38.86 18.84 15.71
CA ALA C 78 40.17 18.29 15.45
C ALA C 78 40.58 17.25 16.48
N GLY C 79 40.04 17.32 17.70
CA GLY C 79 40.35 16.36 18.73
C GLY C 79 39.84 14.95 18.45
N ASP C 80 38.96 14.78 17.47
CA ASP C 80 38.44 13.47 17.10
C ASP C 80 38.89 13.04 15.70
N GLU C 81 39.93 13.68 15.17
CA GLU C 81 40.50 13.27 13.89
C GLU C 81 41.18 11.91 14.04
N ALA C 82 40.55 10.86 13.52
CA ALA C 82 41.08 9.51 13.67
C ALA C 82 40.52 8.65 12.54
N ASP C 83 40.67 7.34 12.66
CA ASP C 83 40.20 6.40 11.66
C ASP C 83 38.99 5.64 12.20
N TYR C 84 38.03 5.39 11.32
CA TYR C 84 36.80 4.70 11.68
C TYR C 84 36.66 3.44 10.83
N TYR C 85 36.41 2.31 11.50
CA TYR C 85 36.35 1.01 10.85
C TYR C 85 34.93 0.48 10.96
N CYS C 86 34.23 0.37 9.83
CA CYS C 86 32.91 -0.26 9.84
C CYS C 86 33.05 -1.77 10.03
N GLN C 87 32.39 -2.28 11.05
CA GLN C 87 32.47 -3.69 11.40
C GLN C 87 31.07 -4.29 11.41
N VAL C 88 30.95 -5.52 10.90
CA VAL C 88 29.69 -6.22 10.76
C VAL C 88 29.87 -7.66 11.23
N TRP C 89 28.77 -8.39 11.27
CA TRP C 89 28.73 -9.81 11.55
C TRP C 89 28.38 -10.57 10.28
N ASP C 90 28.62 -11.88 10.28
CA ASP C 90 28.37 -12.69 9.10
C ASP C 90 28.36 -14.16 9.53
N THR C 91 27.88 -15.02 8.62
CA THR C 91 27.87 -16.46 8.82
C THR C 91 28.52 -17.20 7.66
N GLY C 92 29.40 -16.53 6.91
CA GLY C 92 30.03 -17.16 5.76
C GLY C 92 31.44 -17.67 6.04
N SER C 93 32.44 -16.94 5.55
CA SER C 93 33.83 -17.36 5.75
C SER C 93 34.26 -17.19 7.20
N ASP C 94 34.20 -15.96 7.70
CA ASP C 94 34.58 -15.64 9.06
C ASP C 94 33.46 -14.84 9.72
N PRO C 95 33.16 -15.10 11.00
CA PRO C 95 32.01 -14.44 11.64
C PRO C 95 32.17 -12.92 11.75
N VAL C 96 33.40 -12.42 11.66
CA VAL C 96 33.66 -10.99 11.78
C VAL C 96 34.54 -10.56 10.62
N VAL C 97 34.07 -9.55 9.89
CA VAL C 97 34.82 -8.99 8.77
C VAL C 97 34.90 -7.48 8.92
N PHE C 98 36.06 -6.97 9.29
CA PHE C 98 36.23 -5.53 9.47
C PHE C 98 36.26 -4.84 8.11
N GLY C 99 36.38 -3.51 8.14
CA GLY C 99 36.36 -2.69 6.96
C GLY C 99 37.73 -2.42 6.41
N GLY C 100 37.79 -1.53 5.43
CA GLY C 100 39.03 -1.18 4.78
C GLY C 100 39.71 0.02 5.38
N GLY C 101 39.03 0.69 6.31
CA GLY C 101 39.60 1.84 6.98
C GLY C 101 39.26 3.16 6.31
N THR C 102 38.84 4.15 7.11
CA THR C 102 38.53 5.47 6.62
C THR C 102 39.18 6.50 7.54
N LYS C 103 40.11 7.27 6.98
CA LYS C 103 40.85 8.28 7.74
C LYS C 103 40.12 9.61 7.61
N LEU C 104 39.61 10.12 8.73
CA LEU C 104 38.88 11.39 8.75
C LEU C 104 39.87 12.53 8.48
N THR C 105 39.82 13.09 7.28
CA THR C 105 40.72 14.16 6.88
C THR C 105 40.12 15.52 7.28
N VAL C 106 40.27 15.83 8.57
CA VAL C 106 39.80 17.10 9.09
C VAL C 106 40.71 18.22 8.61
N LEU C 107 40.10 19.30 8.12
CA LEU C 107 40.85 20.46 7.63
C LEU C 107 41.35 21.25 8.84
N GLY C 108 42.40 20.71 9.47
CA GLY C 108 42.97 21.33 10.66
C GLY C 108 43.60 22.67 10.40
N GLN C 109 44.62 22.69 9.55
CA GLN C 109 45.36 23.92 9.25
C GLN C 109 45.79 23.89 7.80
N PRO C 110 46.04 25.04 7.19
CA PRO C 110 46.44 25.07 5.77
C PRO C 110 47.85 24.54 5.56
N LYS C 111 48.34 24.65 4.32
CA LYS C 111 49.66 24.16 3.99
C LYS C 111 50.73 24.83 4.85
N ALA C 112 51.74 24.04 5.24
CA ALA C 112 52.83 24.52 6.09
C ALA C 112 54.14 24.12 5.44
N ALA C 113 55.03 25.08 5.26
CA ALA C 113 56.34 24.81 4.67
C ALA C 113 57.13 23.88 5.57
N PRO C 114 57.65 22.77 5.05
CA PRO C 114 58.40 21.83 5.90
C PRO C 114 59.74 22.41 6.32
N SER C 115 60.28 21.86 7.40
CA SER C 115 61.60 22.19 7.90
C SER C 115 62.55 21.06 7.54
N VAL C 116 63.43 21.31 6.57
CA VAL C 116 64.31 20.29 6.02
C VAL C 116 65.75 20.59 6.40
N THR C 117 66.48 19.55 6.81
CA THR C 117 67.90 19.65 7.09
C THR C 117 68.57 18.35 6.68
N LEU C 118 69.83 18.44 6.29
CA LEU C 118 70.60 17.28 5.86
C LEU C 118 71.98 17.33 6.50
N PHE C 119 72.53 16.16 6.82
CA PHE C 119 73.82 16.06 7.47
C PHE C 119 74.69 15.04 6.76
N PRO C 120 75.98 15.32 6.63
CA PRO C 120 76.90 14.32 6.07
C PRO C 120 77.24 13.28 7.11
N PRO C 121 77.80 12.14 6.69
CA PRO C 121 78.20 11.12 7.67
C PRO C 121 79.27 11.64 8.62
N SER C 122 79.30 11.04 9.81
CA SER C 122 80.26 11.44 10.82
C SER C 122 81.67 11.01 10.41
N SER C 123 82.64 11.92 10.61
CA SER C 123 84.02 11.61 10.25
C SER C 123 84.53 10.39 11.01
N GLU C 124 84.04 10.17 12.23
CA GLU C 124 84.41 8.98 12.98
C GLU C 124 83.99 7.72 12.25
N GLU C 125 82.83 7.75 11.59
CA GLU C 125 82.39 6.58 10.82
C GLU C 125 83.09 6.52 9.47
N LEU C 126 83.45 7.67 8.89
CA LEU C 126 84.26 7.66 7.68
C LEU C 126 85.61 6.99 7.95
N GLN C 127 86.15 7.18 9.16
CA GLN C 127 87.34 6.42 9.55
C GLN C 127 87.03 4.93 9.66
N ALA C 128 85.82 4.60 10.10
CA ALA C 128 85.39 3.19 10.20
C ALA C 128 84.86 2.64 8.88
N ASN C 129 85.06 3.36 7.77
CA ASN C 129 84.83 2.84 6.42
C ASN C 129 83.34 2.60 6.13
N LYS C 130 82.49 3.55 6.53
CA LYS C 130 81.09 3.58 6.11
C LYS C 130 80.67 5.03 5.87
N ALA C 131 79.49 5.18 5.28
CA ALA C 131 78.95 6.50 4.96
C ALA C 131 77.43 6.42 4.89
N THR C 132 76.76 7.22 5.71
CA THR C 132 75.30 7.26 5.74
C THR C 132 74.85 8.70 5.60
N LEU C 133 74.21 9.04 4.49
CA LEU C 133 73.66 10.36 4.28
C LEU C 133 72.22 10.40 4.76
N VAL C 134 71.91 11.37 5.63
CA VAL C 134 70.57 11.50 6.20
C VAL C 134 69.98 12.82 5.78
N CYS C 135 68.65 12.82 5.62
CA CYS C 135 67.90 14.03 5.30
C CYS C 135 66.67 14.07 6.21
N LEU C 136 66.55 15.13 6.99
CA LEU C 136 65.53 15.25 8.02
C LEU C 136 64.53 16.32 7.65
N ILE C 137 63.24 15.98 7.68
CA ILE C 137 62.16 16.89 7.29
C ILE C 137 61.09 16.84 8.37
N SER C 138 60.56 18.01 8.74
CA SER C 138 59.53 18.06 9.76
C SER C 138 58.67 19.30 9.58
N ASP C 139 57.58 19.35 10.33
CA ASP C 139 56.69 20.51 10.41
C ASP C 139 56.12 20.87 9.03
N PHE C 140 55.34 19.94 8.50
CA PHE C 140 54.62 20.15 7.25
C PHE C 140 53.23 19.54 7.38
N TYR C 141 52.36 19.89 6.42
CA TYR C 141 50.98 19.43 6.43
C TYR C 141 50.45 19.47 5.00
N PRO C 142 49.70 18.46 4.54
CA PRO C 142 49.28 17.28 5.31
C PRO C 142 50.29 16.14 5.26
N GLY C 143 49.83 14.92 5.59
CA GLY C 143 50.70 13.77 5.61
C GLY C 143 51.03 13.25 4.23
N ALA C 144 51.81 14.03 3.47
CA ALA C 144 52.22 13.63 2.14
C ALA C 144 53.65 14.09 1.92
N VAL C 145 54.50 13.18 1.46
CA VAL C 145 55.92 13.47 1.25
C VAL C 145 56.38 12.82 -0.05
N THR C 146 57.32 13.50 -0.72
CA THR C 146 57.98 12.98 -1.90
C THR C 146 59.48 13.18 -1.74
N VAL C 147 60.21 12.09 -1.58
CA VAL C 147 61.64 12.12 -1.31
C VAL C 147 62.37 11.68 -2.56
N ALA C 148 63.51 12.32 -2.84
CA ALA C 148 64.32 12.01 -4.01
C ALA C 148 65.77 12.37 -3.70
N TRP C 149 66.63 11.36 -3.59
CA TRP C 149 68.05 11.57 -3.35
C TRP C 149 68.72 11.86 -4.70
N LYS C 150 69.16 13.10 -4.89
CA LYS C 150 69.77 13.54 -6.15
C LYS C 150 71.20 14.01 -5.87
N ALA C 151 72.14 13.07 -5.92
CA ALA C 151 73.55 13.42 -5.79
C ALA C 151 74.05 14.01 -7.10
N ASP C 152 74.55 15.25 -7.04
CA ASP C 152 74.96 15.99 -8.23
C ASP C 152 73.83 16.08 -9.24
N SER C 153 72.62 16.33 -8.73
CA SER C 153 71.40 16.45 -9.53
C SER C 153 71.07 15.16 -10.26
N SER C 154 71.75 14.06 -9.90
CA SER C 154 71.48 12.77 -10.50
C SER C 154 70.72 11.90 -9.51
N PRO C 155 69.53 11.41 -9.86
CA PRO C 155 68.78 10.57 -8.91
C PRO C 155 69.52 9.29 -8.61
N VAL C 156 69.42 8.86 -7.34
CA VAL C 156 70.07 7.65 -6.87
C VAL C 156 69.00 6.79 -6.20
N LYS C 157 68.94 5.51 -6.60
CA LYS C 157 67.96 4.58 -6.05
C LYS C 157 68.61 3.45 -5.25
N ALA C 158 69.93 3.31 -5.29
CA ALA C 158 70.61 2.26 -4.54
C ALA C 158 70.92 2.75 -3.13
N GLY C 159 70.52 1.95 -2.14
CA GLY C 159 70.76 2.30 -0.76
C GLY C 159 70.02 3.54 -0.32
N VAL C 160 68.72 3.62 -0.63
CA VAL C 160 67.89 4.75 -0.30
C VAL C 160 66.76 4.27 0.62
N GLU C 161 66.63 4.88 1.79
CA GLU C 161 65.62 4.50 2.77
C GLU C 161 64.84 5.72 3.21
N THR C 162 63.53 5.57 3.32
CA THR C 162 62.62 6.61 3.76
C THR C 162 61.33 5.96 4.22
N THR C 163 60.78 6.48 5.31
CA THR C 163 59.55 5.96 5.89
C THR C 163 58.45 7.01 5.75
N THR C 164 57.23 6.59 6.03
CA THR C 164 56.09 7.51 5.95
C THR C 164 56.17 8.53 7.07
N PRO C 165 55.71 9.76 6.86
CA PRO C 165 55.72 10.76 7.93
C PRO C 165 54.84 10.33 9.08
N SER C 166 55.13 10.89 10.26
CA SER C 166 54.40 10.57 11.48
C SER C 166 53.95 11.86 12.14
N LYS C 167 53.24 11.71 13.26
CA LYS C 167 52.67 12.85 13.98
C LYS C 167 53.66 13.37 15.02
N GLN C 168 53.29 14.47 15.66
CA GLN C 168 54.11 15.08 16.70
C GLN C 168 53.20 15.94 17.58
N SER C 169 53.81 16.79 18.41
CA SER C 169 53.05 17.57 19.38
C SER C 169 52.11 18.56 18.69
N ASN C 170 52.66 19.40 17.80
CA ASN C 170 51.86 20.44 17.16
C ASN C 170 50.96 19.91 16.05
N ASN C 171 50.76 18.60 15.97
CA ASN C 171 49.91 17.91 15.00
C ASN C 171 50.46 17.99 13.58
N LYS C 172 51.64 18.57 13.38
CA LYS C 172 52.26 18.59 12.07
C LYS C 172 52.86 17.22 11.76
N TYR C 173 53.59 17.15 10.64
CA TYR C 173 54.18 15.90 10.18
C TYR C 173 55.70 16.02 10.13
N ALA C 174 56.37 14.88 10.28
CA ALA C 174 57.82 14.81 10.25
C ALA C 174 58.24 13.50 9.62
N ALA C 175 59.23 13.56 8.72
CA ALA C 175 59.70 12.38 8.02
C ALA C 175 61.19 12.51 7.76
N SER C 176 61.89 11.36 7.82
CA SER C 176 63.32 11.31 7.63
C SER C 176 63.65 10.44 6.42
N SER C 177 64.78 10.74 5.79
CA SER C 177 65.26 10.00 4.63
C SER C 177 66.69 9.55 4.88
N TYR C 178 67.00 8.34 4.43
CA TYR C 178 68.31 7.73 4.65
C TYR C 178 68.94 7.34 3.32
N LEU C 179 70.23 7.59 3.20
CA LEU C 179 71.01 7.24 2.01
C LEU C 179 72.25 6.48 2.47
N SER C 180 72.30 5.18 2.22
CA SER C 180 73.43 4.35 2.60
C SER C 180 74.43 4.33 1.45
N LEU C 181 75.66 4.77 1.73
CA LEU C 181 76.71 4.84 0.72
C LEU C 181 78.00 4.27 1.29
N THR C 182 79.07 4.40 0.51
CA THR C 182 80.40 3.99 0.89
C THR C 182 81.34 5.18 0.87
N PRO C 183 82.39 5.19 1.72
CA PRO C 183 83.30 6.35 1.79
C PRO C 183 83.83 6.84 0.45
N GLU C 184 84.26 5.91 -0.42
CA GLU C 184 84.83 6.33 -1.69
C GLU C 184 83.79 7.04 -2.55
N GLN C 185 82.53 6.59 -2.52
CA GLN C 185 81.49 7.26 -3.27
C GLN C 185 81.23 8.67 -2.72
N TRP C 186 81.24 8.80 -1.39
CA TRP C 186 81.05 10.11 -0.77
C TRP C 186 82.18 11.06 -1.14
N LYS C 187 83.41 10.55 -1.20
CA LYS C 187 84.56 11.40 -1.49
C LYS C 187 84.75 11.65 -2.98
N SER C 188 84.11 10.86 -3.85
CA SER C 188 84.36 10.95 -5.28
C SER C 188 83.57 12.07 -5.94
N HIS C 189 82.25 12.03 -5.82
CA HIS C 189 81.39 12.95 -6.56
C HIS C 189 81.55 14.38 -6.04
N ARG C 190 80.90 15.32 -6.74
CA ARG C 190 81.05 16.74 -6.47
C ARG C 190 80.09 17.21 -5.37
N SER C 191 78.80 16.94 -5.54
CA SER C 191 77.78 17.40 -4.61
C SER C 191 76.77 16.28 -4.34
N TYR C 192 76.18 16.32 -3.16
CA TYR C 192 75.17 15.36 -2.74
C TYR C 192 74.01 16.13 -2.14
N SER C 193 72.79 15.77 -2.53
CA SER C 193 71.60 16.50 -2.13
C SER C 193 70.46 15.53 -1.82
N CYS C 194 69.39 16.07 -1.23
CA CYS C 194 68.18 15.31 -0.97
C CYS C 194 66.99 16.23 -1.24
N GLN C 195 66.10 15.80 -2.13
CA GLN C 195 64.99 16.61 -2.58
C GLN C 195 63.71 16.17 -1.90
N VAL C 196 62.94 17.13 -1.39
CA VAL C 196 61.61 16.90 -0.85
C VAL C 196 60.67 17.91 -1.50
N THR C 197 59.51 17.44 -1.93
CA THR C 197 58.51 18.28 -2.57
C THR C 197 57.13 17.96 -1.99
N HIS C 198 56.42 18.99 -1.56
CA HIS C 198 55.09 18.84 -0.97
C HIS C 198 54.09 19.61 -1.81
N GLU C 199 53.18 18.88 -2.46
CA GLU C 199 52.12 19.48 -3.28
C GLU C 199 52.70 20.38 -4.37
N GLY C 200 53.81 19.96 -4.96
CA GLY C 200 54.44 20.67 -6.04
C GLY C 200 55.40 21.76 -5.62
N SER C 201 55.64 21.92 -4.32
CA SER C 201 56.56 22.93 -3.80
C SER C 201 57.94 22.32 -3.64
N THR C 202 58.88 22.76 -4.45
CA THR C 202 60.23 22.20 -4.44
C THR C 202 61.09 22.88 -3.38
N VAL C 203 61.53 22.09 -2.39
CA VAL C 203 62.40 22.58 -1.33
C VAL C 203 63.55 21.60 -1.18
N GLU C 204 64.74 22.01 -1.60
CA GLU C 204 65.89 21.10 -1.63
C GLU C 204 67.16 21.86 -1.28
N LYS C 205 68.02 21.23 -0.49
CA LYS C 205 69.34 21.76 -0.14
C LYS C 205 70.40 20.79 -0.64
N THR C 206 71.66 21.21 -0.55
CA THR C 206 72.76 20.42 -1.09
C THR C 206 74.01 20.66 -0.25
N VAL C 207 74.81 19.61 -0.10
CA VAL C 207 76.09 19.67 0.59
C VAL C 207 77.17 19.13 -0.34
N ALA C 208 78.42 19.20 0.11
CA ALA C 208 79.56 18.80 -0.70
C ALA C 208 80.61 18.16 0.20
N PRO C 209 81.32 17.15 -0.28
CA PRO C 209 82.37 16.52 0.53
C PRO C 209 83.67 17.31 0.59
N THR C 210 83.86 18.30 -0.28
CA THR C 210 85.07 19.11 -0.25
C THR C 210 85.13 19.98 0.99
N GLU C 211 83.99 20.27 1.62
CA GLU C 211 83.94 21.04 2.85
C GLU C 211 83.41 20.23 4.02
N CYS C 212 82.41 19.39 3.79
CA CYS C 212 81.84 18.55 4.84
C CYS C 212 82.65 17.28 5.01
N PRO D 1 17.33 -25.65 8.18
CA PRO D 1 17.69 -24.89 9.38
C PRO D 1 16.66 -23.82 9.73
N PRO D 2 16.35 -23.67 11.03
CA PRO D 2 15.35 -22.68 11.43
C PRO D 2 15.79 -21.24 11.19
N SER D 3 17.10 -20.99 11.10
CA SER D 3 17.62 -19.64 10.89
C SER D 3 17.53 -19.20 9.43
N THR D 4 16.79 -19.91 8.59
CA THR D 4 16.64 -19.53 7.19
C THR D 4 15.44 -18.63 6.98
N ALA D 5 14.30 -18.98 7.61
CA ALA D 5 13.09 -18.18 7.46
C ALA D 5 13.27 -16.78 8.03
N LEU D 6 13.91 -16.68 9.20
CA LEU D 6 14.16 -15.37 9.79
C LEU D 6 15.11 -14.54 8.94
N ARG D 7 16.14 -15.17 8.38
CA ARG D 7 17.05 -14.43 7.51
C ARG D 7 16.35 -13.95 6.25
N GLU D 8 15.48 -14.79 5.69
CA GLU D 8 14.71 -14.37 4.51
C GLU D 8 13.77 -13.22 4.84
N LEU D 9 13.13 -13.27 6.02
CA LEU D 9 12.28 -12.17 6.42
C LEU D 9 13.07 -10.89 6.61
N ILE D 10 14.27 -11.00 7.20
CA ILE D 10 15.11 -9.82 7.37
C ILE D 10 15.51 -9.24 6.01
N GLU D 11 15.86 -10.11 5.07
CA GLU D 11 16.21 -9.65 3.73
C GLU D 11 15.03 -8.94 3.06
N GLU D 12 13.83 -9.51 3.18
CA GLU D 12 12.65 -8.89 2.60
C GLU D 12 12.37 -7.53 3.25
N LEU D 13 12.47 -7.47 4.57
CA LEU D 13 12.20 -6.22 5.29
C LEU D 13 13.19 -5.14 4.90
N VAL D 14 14.47 -5.50 4.74
CA VAL D 14 15.47 -4.51 4.38
C VAL D 14 15.34 -4.13 2.92
N ASN D 15 14.78 -5.03 2.10
CA ASN D 15 14.58 -4.75 0.69
C ASN D 15 13.37 -3.86 0.43
N ILE D 16 12.35 -3.91 1.29
CA ILE D 16 11.18 -3.07 1.08
C ILE D 16 11.30 -1.69 1.72
N THR D 17 12.27 -1.49 2.61
CA THR D 17 12.42 -0.22 3.31
C THR D 17 13.61 0.60 2.84
N GLN D 18 14.29 0.17 1.77
CA GLN D 18 15.45 0.91 1.28
C GLN D 18 15.06 2.31 0.84
N ASN D 19 16.03 3.22 0.89
CA ASN D 19 15.76 4.62 0.59
C ASN D 19 15.40 4.86 -0.88
N GLN D 20 15.68 3.90 -1.77
CA GLN D 20 15.31 4.08 -3.17
C GLN D 20 13.81 4.00 -3.38
N LYS D 21 13.08 3.39 -2.45
CA LYS D 21 11.64 3.26 -2.56
C LYS D 21 10.95 4.56 -2.16
N ALA D 22 9.76 4.79 -2.72
CA ALA D 22 8.92 5.93 -2.38
C ALA D 22 8.49 5.83 -0.92
N PRO D 23 7.94 6.91 -0.33
CA PRO D 23 7.39 6.81 1.03
C PRO D 23 6.41 5.66 1.18
N LEU D 24 6.71 4.75 2.09
CA LEU D 24 5.93 3.51 2.21
C LEU D 24 4.50 3.81 2.62
N CYS D 25 3.56 3.41 1.75
CA CYS D 25 2.12 3.55 1.94
C CYS D 25 1.67 5.00 1.94
N ASN D 26 2.60 5.95 1.83
CA ASN D 26 2.33 7.37 1.63
C ASN D 26 1.49 7.94 2.78
N GLY D 27 2.08 7.93 3.97
CA GLY D 27 1.60 8.71 5.08
C GLY D 27 0.61 8.03 6.02
N SER D 28 -0.07 6.97 5.57
CA SER D 28 -1.04 6.31 6.44
C SER D 28 -0.34 5.74 7.67
N MET D 29 -0.65 6.29 8.83
CA MET D 29 0.07 5.95 10.04
C MET D 29 -0.35 4.58 10.58
N VAL D 30 0.54 3.99 11.38
CA VAL D 30 0.34 2.65 11.94
C VAL D 30 0.51 2.73 13.45
N TRP D 31 -0.35 2.02 14.17
CA TRP D 31 -0.27 1.98 15.63
C TRP D 31 0.97 1.20 16.05
N SER D 32 1.74 1.77 16.97
CA SER D 32 2.94 1.11 17.47
C SER D 32 2.58 -0.08 18.35
N ILE D 33 3.59 -0.87 18.70
CA ILE D 33 3.41 -2.05 19.53
C ILE D 33 4.49 -2.07 20.61
N ASN D 34 4.27 -2.90 21.62
CA ASN D 34 5.24 -3.05 22.71
C ASN D 34 6.34 -4.02 22.28
N LEU D 35 7.59 -3.57 22.34
CA LEU D 35 8.72 -4.43 22.03
C LEU D 35 8.93 -5.42 23.17
N THR D 36 8.35 -6.62 23.04
CA THR D 36 8.29 -7.56 24.15
C THR D 36 8.82 -8.93 23.77
N ALA D 37 9.79 -8.99 22.86
CA ALA D 37 10.51 -10.23 22.54
C ALA D 37 9.54 -11.34 22.09
N GLY D 38 9.01 -11.13 20.89
CA GLY D 38 7.93 -11.99 20.41
C GLY D 38 6.72 -11.22 19.94
N MET D 39 6.94 -9.99 19.48
CA MET D 39 5.89 -9.12 18.97
C MET D 39 5.33 -9.57 17.63
N TYR D 40 5.66 -10.79 17.18
CA TYR D 40 5.14 -11.32 15.93
C TYR D 40 3.63 -11.10 15.78
N CYS D 41 2.86 -11.58 16.75
CA CYS D 41 1.42 -11.35 16.73
C CYS D 41 1.09 -9.87 16.82
N ALA D 42 1.85 -9.13 17.63
CA ALA D 42 1.62 -7.70 17.76
C ALA D 42 1.84 -6.98 16.44
N ALA D 43 2.99 -7.23 15.80
CA ALA D 43 3.26 -6.62 14.51
C ALA D 43 2.23 -7.02 13.47
N LEU D 44 1.81 -8.29 13.49
CA LEU D 44 0.81 -8.76 12.52
C LEU D 44 -0.51 -8.03 12.70
N GLU D 45 -1.02 -7.97 13.93
CA GLU D 45 -2.30 -7.34 14.21
C GLU D 45 -2.23 -5.83 14.22
N SER D 46 -1.04 -5.23 14.15
CA SER D 46 -0.92 -3.80 13.99
C SER D 46 -0.67 -3.37 12.55
N LEU D 47 -0.15 -4.26 11.71
CA LEU D 47 -0.03 -4.00 10.29
C LEU D 47 -1.17 -4.57 9.48
N ILE D 48 -2.08 -5.32 10.11
CA ILE D 48 -3.25 -5.85 9.44
C ILE D 48 -4.20 -4.74 8.96
N ASN D 49 -3.99 -3.52 9.42
CA ASN D 49 -4.88 -2.40 9.12
C ASN D 49 -4.22 -1.40 8.16
N VAL D 50 -3.48 -1.89 7.18
CA VAL D 50 -2.88 -1.07 6.14
C VAL D 50 -3.51 -1.48 4.81
N SER D 51 -4.39 -0.64 4.29
CA SER D 51 -5.16 -0.96 3.09
C SER D 51 -4.25 -0.89 1.87
N GLY D 52 -3.80 -2.04 1.39
CA GLY D 52 -3.06 -2.11 0.14
C GLY D 52 -1.63 -1.62 0.21
N CYS D 53 -1.31 -0.65 -0.64
CA CYS D 53 -0.01 -0.02 -0.86
C CYS D 53 0.94 -0.97 -1.58
N SER D 54 0.54 -2.24 -1.72
CA SER D 54 1.16 -3.19 -2.64
C SER D 54 2.63 -3.46 -2.36
N ALA D 55 3.18 -2.89 -1.28
CA ALA D 55 4.61 -2.99 -1.01
C ALA D 55 4.92 -3.75 0.27
N ILE D 56 3.92 -4.07 1.08
CA ILE D 56 4.18 -4.76 2.34
C ILE D 56 3.39 -6.06 2.37
N GLU D 57 3.10 -6.61 1.18
CA GLU D 57 2.36 -7.87 1.13
C GLU D 57 3.20 -9.04 1.65
N LYS D 58 4.40 -9.22 1.08
CA LYS D 58 5.25 -10.34 1.49
C LYS D 58 5.63 -10.24 2.96
N THR D 59 5.78 -9.02 3.48
CA THR D 59 6.07 -8.85 4.89
C THR D 59 4.96 -9.43 5.75
N GLN D 60 3.71 -9.06 5.43
CA GLN D 60 2.57 -9.61 6.17
C GLN D 60 2.47 -11.11 5.99
N ARG D 61 2.78 -11.61 4.80
CA ARG D 61 2.75 -13.04 4.55
C ARG D 61 3.71 -13.78 5.48
N MET D 62 4.96 -13.30 5.53
CA MET D 62 5.95 -13.96 6.38
C MET D 62 5.62 -13.79 7.86
N LEU D 63 5.03 -12.65 8.24
CA LEU D 63 4.64 -12.44 9.62
C LEU D 63 3.56 -13.41 10.03
N SER D 64 2.54 -13.60 9.18
CA SER D 64 1.52 -14.60 9.44
C SER D 64 2.12 -16.00 9.44
N GLY D 65 3.17 -16.23 8.65
CA GLY D 65 3.87 -17.49 8.71
C GLY D 65 4.54 -17.74 10.04
N PHE D 66 5.12 -16.71 10.64
CA PHE D 66 5.71 -16.84 11.96
C PHE D 66 4.68 -16.92 13.07
N CYS D 67 3.50 -16.31 12.87
CA CYS D 67 2.41 -16.34 13.85
C CYS D 67 1.20 -16.96 13.18
N PRO D 68 1.07 -18.29 13.19
CA PRO D 68 -0.04 -18.93 12.46
C PRO D 68 -1.39 -18.78 13.13
N HIS D 69 -1.43 -18.61 14.45
CA HIS D 69 -2.72 -18.53 15.14
C HIS D 69 -3.38 -17.17 14.97
N LYS D 70 -2.62 -16.18 14.53
CA LYS D 70 -3.05 -14.78 14.41
C LYS D 70 -3.93 -14.36 15.59
N VAL D 71 -3.35 -14.50 16.79
CA VAL D 71 -4.07 -14.17 18.01
C VAL D 71 -4.47 -12.70 17.98
N SER D 72 -5.66 -12.40 18.52
CA SER D 72 -6.21 -11.06 18.46
C SER D 72 -5.30 -10.06 19.18
N ALA D 73 -5.47 -8.79 18.84
CA ALA D 73 -4.60 -7.74 19.38
C ALA D 73 -4.94 -7.45 20.84
N GLY D 74 -5.98 -8.06 21.37
CA GLY D 74 -6.39 -7.81 22.74
C GLY D 74 -5.43 -8.32 23.80
N GLN D 75 -4.29 -8.86 23.37
CA GLN D 75 -3.30 -9.36 24.32
C GLN D 75 -2.54 -8.21 24.98
N PHE D 76 -2.50 -7.04 24.35
CA PHE D 76 -1.73 -5.92 24.86
C PHE D 76 -2.22 -5.51 26.24
N SER D 77 -1.27 -5.33 27.17
CA SER D 77 -1.59 -4.87 28.51
C SER D 77 -2.01 -3.40 28.56
N SER D 78 -1.80 -2.66 27.48
CA SER D 78 -2.19 -1.25 27.42
C SER D 78 -2.47 -0.90 25.97
N LEU D 79 -3.70 -0.49 25.67
CA LEU D 79 -4.09 -0.16 24.31
C LEU D 79 -3.56 1.21 23.90
N HIS D 80 -2.77 1.84 24.77
CA HIS D 80 -2.15 3.12 24.42
C HIS D 80 -1.24 2.98 23.22
N VAL D 81 -0.62 1.82 23.04
CA VAL D 81 0.19 1.58 21.86
C VAL D 81 -0.68 1.57 20.60
N ARG D 82 -1.94 1.14 20.74
CA ARG D 82 -2.90 1.23 19.66
C ARG D 82 -3.56 2.60 19.61
N ASP D 83 -3.09 3.56 20.41
CA ASP D 83 -3.57 4.93 20.37
C ASP D 83 -2.52 5.93 19.92
N THR D 84 -1.23 5.65 20.15
CA THR D 84 -0.18 6.48 19.58
C THR D 84 0.04 6.10 18.11
N LYS D 85 0.23 7.11 17.27
CA LYS D 85 0.29 6.92 15.83
C LYS D 85 1.66 7.33 15.32
N ILE D 86 2.26 6.46 14.51
CA ILE D 86 3.54 6.73 13.86
C ILE D 86 3.44 6.21 12.43
N GLU D 87 4.22 6.82 11.53
CA GLU D 87 4.18 6.42 10.13
C GLU D 87 4.71 5.00 9.97
N VAL D 88 4.49 4.45 8.77
CA VAL D 88 4.90 3.07 8.49
C VAL D 88 6.40 2.93 8.60
N ALA D 89 7.13 3.95 8.14
CA ALA D 89 8.58 3.92 8.09
C ALA D 89 9.20 3.69 9.47
N GLN D 90 8.77 4.48 10.45
CA GLN D 90 9.36 4.35 11.80
C GLN D 90 9.05 2.99 12.41
N PHE D 91 7.80 2.54 12.31
CA PHE D 91 7.42 1.26 12.88
C PHE D 91 8.18 0.11 12.22
N VAL D 92 8.29 0.15 10.89
CA VAL D 92 8.97 -0.94 10.19
C VAL D 92 10.47 -0.91 10.47
N LYS D 93 11.04 0.29 10.66
CA LYS D 93 12.47 0.37 10.99
C LYS D 93 12.72 -0.20 12.38
N ASP D 94 11.87 0.15 13.36
CA ASP D 94 12.02 -0.41 14.69
C ASP D 94 11.82 -1.92 14.70
N LEU D 95 10.85 -2.41 13.93
CA LEU D 95 10.64 -3.86 13.85
C LEU D 95 11.86 -4.54 13.24
N LEU D 96 12.42 -3.95 12.17
CA LEU D 96 13.60 -4.53 11.55
C LEU D 96 14.78 -4.56 12.51
N LEU D 97 14.97 -3.49 13.26
CA LEU D 97 16.08 -3.43 14.21
C LEU D 97 15.92 -4.47 15.30
N HIS D 98 14.73 -4.55 15.90
CA HIS D 98 14.51 -5.54 16.95
C HIS D 98 14.61 -6.97 16.42
N LEU D 99 14.20 -7.19 15.16
CA LEU D 99 14.32 -8.53 14.59
C LEU D 99 15.77 -8.88 14.31
N LYS D 100 16.56 -7.91 13.87
CA LYS D 100 18.00 -8.15 13.72
C LYS D 100 18.64 -8.49 15.05
N LYS D 101 18.24 -7.78 16.11
CA LYS D 101 18.76 -8.09 17.43
C LYS D 101 18.38 -9.50 17.87
N LEU D 102 17.10 -9.85 17.69
CA LEU D 102 16.65 -11.20 18.05
C LEU D 102 17.38 -12.27 17.25
N PHE D 103 17.65 -12.00 15.97
CA PHE D 103 18.37 -12.96 15.14
C PHE D 103 19.80 -13.13 15.60
N ARG D 104 20.46 -12.03 15.95
CA ARG D 104 21.82 -12.11 16.47
C ARG D 104 21.85 -12.81 17.83
N GLU D 105 20.76 -12.71 18.59
CA GLU D 105 20.68 -13.37 19.89
C GLU D 105 20.41 -14.86 19.78
N GLY D 106 20.33 -15.41 18.57
CA GLY D 106 20.10 -16.83 18.40
C GLY D 106 18.63 -17.22 18.43
N GLN D 107 17.81 -16.37 19.04
CA GLN D 107 16.38 -16.63 19.13
C GLN D 107 15.75 -16.49 17.74
N PHE D 108 15.26 -17.60 17.19
CA PHE D 108 14.64 -17.61 15.87
C PHE D 108 13.12 -17.54 15.94
N ASN D 109 12.50 -18.46 16.67
CA ASN D 109 11.05 -18.48 16.81
C ASN D 109 10.61 -17.67 18.03
N VAL E 1 37.29 -1.53 35.77
CA VAL E 1 37.49 -2.64 34.84
C VAL E 1 38.48 -2.25 33.74
N GLN E 2 39.39 -3.16 33.42
CA GLN E 2 40.41 -2.90 32.41
C GLN E 2 41.06 -4.19 31.94
N LEU E 3 41.30 -4.30 30.64
CA LEU E 3 42.00 -5.43 30.05
C LEU E 3 43.46 -5.06 29.83
N VAL E 4 44.36 -5.87 30.35
CA VAL E 4 45.80 -5.59 30.30
C VAL E 4 46.51 -6.76 29.65
N GLN E 5 47.54 -6.46 28.88
CA GLN E 5 48.37 -7.45 28.19
C GLN E 5 49.80 -7.37 28.70
N SER E 6 50.66 -8.21 28.11
CA SER E 6 52.07 -8.22 28.45
C SER E 6 52.77 -7.08 27.73
N GLY E 7 54.10 -7.00 27.89
CA GLY E 7 54.88 -5.98 27.25
C GLY E 7 55.15 -6.29 25.79
N ALA E 8 56.07 -5.54 25.21
CA ALA E 8 56.42 -5.73 23.80
C ALA E 8 57.14 -7.06 23.62
N GLU E 9 57.26 -7.48 22.36
CA GLU E 9 57.90 -8.75 22.05
C GLU E 9 58.65 -8.60 20.73
N VAL E 10 59.76 -9.34 20.62
CA VAL E 10 60.58 -9.36 19.42
C VAL E 10 60.94 -10.81 19.13
N LYS E 11 60.68 -11.26 17.89
CA LYS E 11 60.94 -12.62 17.49
C LYS E 11 61.63 -12.65 16.14
N LYS E 12 62.18 -13.80 15.81
CA LYS E 12 62.83 -14.06 14.54
C LYS E 12 61.95 -14.93 13.67
N PRO E 13 62.17 -14.95 12.35
CA PRO E 13 61.37 -15.81 11.47
C PRO E 13 61.49 -17.27 11.86
N GLY E 14 60.39 -18.00 11.67
CA GLY E 14 60.34 -19.41 12.04
C GLY E 14 60.19 -19.69 13.52
N ALA E 15 60.21 -18.67 14.37
CA ALA E 15 60.08 -18.87 15.80
C ALA E 15 58.60 -18.89 16.18
N SER E 16 58.33 -18.84 17.49
CA SER E 16 56.96 -18.83 17.99
C SER E 16 56.84 -17.79 19.09
N VAL E 17 55.60 -17.42 19.41
CA VAL E 17 55.32 -16.41 20.41
C VAL E 17 54.00 -16.73 21.08
N LYS E 18 53.93 -16.47 22.38
CA LYS E 18 52.73 -16.69 23.17
C LYS E 18 52.43 -15.42 23.96
N VAL E 19 51.42 -14.67 23.53
CA VAL E 19 51.08 -13.39 24.14
C VAL E 19 49.98 -13.61 25.17
N SER E 20 49.93 -12.70 26.14
CA SER E 20 48.99 -12.78 27.25
C SER E 20 48.03 -11.60 27.21
N CYS E 21 46.90 -11.77 27.89
CA CYS E 21 45.90 -10.71 28.02
C CYS E 21 45.06 -11.01 29.25
N LYS E 22 45.21 -10.21 30.30
CA LYS E 22 44.58 -10.45 31.58
C LYS E 22 43.33 -9.60 31.73
N ALA E 23 42.26 -10.21 32.26
CA ALA E 23 40.99 -9.54 32.47
C ALA E 23 40.79 -9.29 33.96
N SER E 24 40.48 -8.03 34.31
CA SER E 24 40.27 -7.63 35.70
C SER E 24 39.19 -6.57 35.73
N GLY E 25 38.10 -6.85 36.44
CA GLY E 25 37.05 -5.85 36.62
C GLY E 25 35.66 -6.32 36.26
N TYR E 26 35.50 -7.62 36.02
CA TYR E 26 34.20 -8.19 35.71
C TYR E 26 34.27 -9.69 35.94
N THR E 27 33.22 -10.41 35.52
CA THR E 27 33.16 -11.87 35.64
C THR E 27 33.64 -12.44 34.32
N PHE E 28 34.89 -12.92 34.30
CA PHE E 28 35.48 -13.44 33.08
C PHE E 28 34.75 -14.70 32.59
N THR E 29 34.16 -15.45 33.52
CA THR E 29 33.48 -16.68 33.15
C THR E 29 32.25 -16.44 32.29
N ASN E 30 31.68 -15.23 32.33
CA ASN E 30 30.50 -14.90 31.56
C ASN E 30 30.82 -14.15 30.27
N TYR E 31 32.06 -14.23 29.80
CA TYR E 31 32.46 -13.55 28.58
C TYR E 31 33.53 -14.38 27.87
N GLY E 32 33.89 -13.95 26.68
CA GLY E 32 34.93 -14.62 25.91
C GLY E 32 35.82 -13.62 25.21
N LEU E 33 37.13 -13.85 25.32
CA LEU E 33 38.08 -12.94 24.70
C LEU E 33 38.10 -13.12 23.19
N SER E 34 38.53 -12.07 22.48
CA SER E 34 38.65 -12.11 21.04
C SER E 34 39.84 -11.26 20.63
N TRP E 35 40.59 -11.74 19.65
CA TRP E 35 41.82 -11.10 19.22
C TRP E 35 41.63 -10.47 17.85
N VAL E 36 42.21 -9.27 17.70
CA VAL E 36 42.18 -8.55 16.43
C VAL E 36 43.57 -7.99 16.19
N ARG E 37 44.16 -8.33 15.04
CA ARG E 37 45.49 -7.85 14.69
C ARG E 37 45.38 -6.58 13.84
N GLN E 38 46.52 -5.89 13.70
CA GLN E 38 46.55 -4.65 12.93
C GLN E 38 47.97 -4.46 12.40
N ALA E 39 48.16 -4.72 11.11
CA ALA E 39 49.44 -4.44 10.49
C ALA E 39 49.70 -2.94 10.53
N PRO E 40 50.95 -2.51 10.64
CA PRO E 40 51.25 -1.08 10.70
C PRO E 40 50.80 -0.36 9.44
N GLY E 41 49.89 0.60 9.61
CA GLY E 41 49.39 1.35 8.48
C GLY E 41 48.39 0.59 7.62
N GLN E 42 47.75 -0.44 8.17
CA GLN E 42 46.78 -1.23 7.45
C GLN E 42 45.53 -1.39 8.29
N GLY E 43 44.48 -1.95 7.70
CA GLY E 43 43.24 -2.14 8.41
C GLY E 43 43.29 -3.33 9.35
N LEU E 44 42.27 -3.40 10.22
CA LEU E 44 42.16 -4.49 11.17
C LEU E 44 41.91 -5.82 10.48
N GLU E 45 41.97 -6.91 11.23
CA GLU E 45 41.69 -8.24 10.69
C GLU E 45 41.38 -9.16 11.86
N TRP E 46 40.17 -9.73 11.86
CA TRP E 46 39.79 -10.64 12.92
C TRP E 46 40.67 -11.88 12.89
N MET E 47 41.15 -12.29 14.08
CA MET E 47 42.09 -13.39 14.18
C MET E 47 41.48 -14.62 14.87
N GLY E 48 40.94 -14.45 16.07
CA GLY E 48 40.40 -15.60 16.79
C GLY E 48 39.58 -15.24 18.01
N TRP E 49 38.64 -16.12 18.36
CA TRP E 49 37.81 -15.96 19.54
C TRP E 49 37.89 -17.22 20.40
N ILE E 50 37.75 -17.04 21.71
CA ILE E 50 37.76 -18.16 22.65
C ILE E 50 36.84 -17.80 23.81
N SER E 51 36.18 -18.81 24.35
CA SER E 51 35.25 -18.60 25.46
C SER E 51 35.88 -19.05 26.77
N ALA E 52 35.42 -18.45 27.87
CA ALA E 52 35.87 -18.79 29.20
C ALA E 52 34.86 -19.64 29.96
N ASN E 53 33.98 -20.34 29.26
CA ASN E 53 32.98 -21.18 29.91
C ASN E 53 32.98 -22.61 29.40
N ASN E 54 33.31 -22.82 28.13
CA ASN E 54 33.35 -24.18 27.58
C ASN E 54 34.70 -24.53 26.99
N GLY E 55 35.37 -23.59 26.34
CA GLY E 55 36.65 -23.83 25.72
C GLY E 55 36.66 -23.91 24.21
N ASP E 56 35.61 -23.45 23.54
CA ASP E 56 35.55 -23.50 22.08
C ASP E 56 36.36 -22.36 21.48
N THR E 57 36.87 -22.60 20.27
CA THR E 57 37.69 -21.63 19.57
C THR E 57 37.19 -21.49 18.13
N ASN E 58 37.53 -20.37 17.51
CA ASN E 58 37.21 -20.12 16.12
C ASN E 58 38.31 -19.25 15.52
N TYR E 59 38.65 -19.53 14.26
CA TYR E 59 39.72 -18.82 13.59
C TYR E 59 39.29 -18.50 12.16
N GLY E 60 40.00 -17.55 11.56
CA GLY E 60 39.78 -17.17 10.19
C GLY E 60 40.61 -18.02 9.24
N GLN E 61 40.19 -18.05 7.97
CA GLN E 61 40.86 -18.86 6.97
C GLN E 61 42.34 -18.52 6.87
N GLU E 62 42.68 -17.25 7.09
CA GLU E 62 44.09 -16.84 7.09
C GLU E 62 44.84 -17.47 8.25
N PHE E 63 44.18 -17.67 9.38
CA PHE E 63 44.82 -18.19 10.59
C PHE E 63 44.30 -19.54 11.03
N GLN E 64 43.48 -20.21 10.22
CA GLN E 64 42.93 -21.52 10.58
C GLN E 64 44.03 -22.56 10.51
N GLY E 65 44.61 -22.90 11.67
CA GLY E 65 45.64 -23.91 11.74
C GLY E 65 46.97 -23.39 12.24
N ARG E 66 47.32 -22.17 11.85
CA ARG E 66 48.60 -21.57 12.22
C ARG E 66 48.59 -20.95 13.61
N VAL E 67 47.54 -21.10 14.41
CA VAL E 67 47.46 -20.47 15.72
C VAL E 67 46.78 -21.43 16.69
N THR E 68 47.06 -21.24 17.98
CA THR E 68 46.46 -22.05 19.03
C THR E 68 46.10 -21.13 20.18
N MET E 69 44.89 -21.27 20.70
CA MET E 69 44.35 -20.37 21.70
C MET E 69 43.99 -21.15 22.96
N THR E 70 44.27 -20.55 24.11
CA THR E 70 43.93 -21.14 25.40
C THR E 70 43.81 -20.03 26.44
N THR E 71 43.08 -20.31 27.51
CA THR E 71 42.87 -19.36 28.59
C THR E 71 43.01 -20.06 29.93
N ASP E 72 43.48 -19.32 30.92
CA ASP E 72 43.64 -19.82 32.28
C ASP E 72 42.61 -19.17 33.19
N THR E 73 41.70 -19.97 33.73
CA THR E 73 40.67 -19.43 34.61
C THR E 73 41.21 -19.05 35.98
N SER E 74 42.43 -19.48 36.32
CA SER E 74 42.98 -19.16 37.62
C SER E 74 43.32 -17.67 37.73
N THR E 75 43.97 -17.13 36.70
CA THR E 75 44.36 -15.73 36.68
C THR E 75 43.57 -14.91 35.65
N SER E 76 42.56 -15.52 35.01
CA SER E 76 41.70 -14.83 34.04
C SER E 76 42.53 -14.23 32.90
N THR E 77 43.51 -14.98 32.42
CA THR E 77 44.38 -14.54 31.33
C THR E 77 44.36 -15.60 30.23
N ALA E 78 44.10 -15.15 29.00
CA ALA E 78 44.14 -16.02 27.84
C ALA E 78 45.52 -15.99 27.20
N TYR E 79 45.82 -17.02 26.44
CA TYR E 79 47.16 -17.18 25.84
C TYR E 79 46.98 -17.56 24.37
N MET E 80 47.06 -16.56 23.50
CA MET E 80 47.08 -16.81 22.07
C MET E 80 48.50 -17.08 21.62
N GLU E 81 48.72 -18.28 21.08
CA GLU E 81 50.05 -18.73 20.69
C GLU E 81 50.12 -18.87 19.18
N LEU E 82 51.01 -18.09 18.56
CA LEU E 82 51.22 -18.14 17.12
C LEU E 82 52.50 -18.88 16.81
N ARG E 83 52.46 -19.77 15.82
CA ARG E 83 53.61 -20.55 15.41
C ARG E 83 53.86 -20.35 13.93
N SER E 84 55.07 -20.70 13.49
CA SER E 84 55.52 -20.52 12.10
C SER E 84 55.27 -19.10 11.63
N LEU E 85 55.82 -18.13 12.38
CA LEU E 85 55.61 -16.73 12.06
C LEU E 85 56.31 -16.37 10.75
N ARG E 86 55.74 -15.39 10.07
CA ARG E 86 56.26 -14.91 8.79
C ARG E 86 56.73 -13.46 8.95
N SER E 87 57.25 -12.91 7.85
CA SER E 87 57.74 -11.53 7.89
C SER E 87 56.59 -10.54 7.97
N ASP E 88 55.44 -10.88 7.40
CA ASP E 88 54.30 -9.97 7.36
C ASP E 88 53.41 -10.06 8.60
N ASP E 89 53.62 -11.06 9.46
CA ASP E 89 52.77 -11.24 10.63
C ASP E 89 53.05 -10.19 11.69
N THR E 90 54.02 -9.30 11.45
CA THR E 90 54.32 -8.23 12.39
C THR E 90 53.14 -7.29 12.53
N ALA E 91 52.48 -7.33 13.70
CA ALA E 91 51.28 -6.55 13.95
C ALA E 91 50.91 -6.56 15.43
N VAL E 92 50.31 -5.47 15.90
CA VAL E 92 49.84 -5.43 17.28
C VAL E 92 48.64 -6.35 17.42
N TYR E 93 48.66 -7.20 18.45
CA TYR E 93 47.63 -8.21 18.66
C TYR E 93 46.80 -7.79 19.89
N TYR E 94 45.72 -7.07 19.64
CA TYR E 94 44.84 -6.60 20.70
C TYR E 94 44.01 -7.76 21.24
N CYS E 95 43.28 -7.50 22.33
CA CYS E 95 42.29 -8.43 22.85
C CYS E 95 41.09 -7.62 23.30
N ALA E 96 39.91 -8.25 23.22
CA ALA E 96 38.68 -7.52 23.50
C ALA E 96 37.64 -8.47 24.05
N ARG E 97 36.77 -7.95 24.91
CA ARG E 97 35.72 -8.76 25.50
C ARG E 97 34.60 -9.00 24.49
N ASP E 98 34.18 -10.25 24.38
CA ASP E 98 33.11 -10.63 23.47
C ASP E 98 32.22 -11.65 24.16
N SER E 99 30.99 -11.77 23.66
CA SER E 99 30.05 -12.73 24.23
C SER E 99 30.52 -14.16 23.97
N SER E 100 30.25 -15.03 24.93
CA SER E 100 30.64 -16.43 24.84
C SER E 100 29.72 -17.25 23.95
N SER E 101 28.79 -16.62 23.25
CA SER E 101 27.87 -17.33 22.37
C SER E 101 28.63 -17.93 21.20
N SER E 102 28.61 -19.27 21.09
CA SER E 102 29.28 -19.96 19.99
C SER E 102 28.60 -19.72 18.65
N TRP E 103 27.44 -19.07 18.63
CA TRP E 103 26.71 -18.85 17.40
C TRP E 103 26.93 -17.46 16.80
N ALA E 104 27.03 -16.43 17.63
CA ALA E 104 27.18 -15.06 17.15
C ALA E 104 28.37 -14.40 17.81
N ARG E 105 28.83 -13.31 17.20
CA ARG E 105 29.95 -12.52 17.70
C ARG E 105 29.48 -11.08 17.83
N TRP E 106 29.32 -10.61 19.06
CA TRP E 106 28.75 -9.28 19.31
C TRP E 106 29.81 -8.20 19.10
N PHE E 107 29.47 -6.98 19.52
CA PHE E 107 30.40 -5.87 19.44
C PHE E 107 31.54 -6.05 20.44
N PHE E 108 32.53 -5.18 20.33
CA PHE E 108 33.66 -5.14 21.25
C PHE E 108 33.68 -3.80 21.96
N ASP E 109 33.72 -3.83 23.29
CA ASP E 109 33.74 -2.62 24.10
C ASP E 109 35.04 -2.44 24.85
N LEU E 110 35.47 -3.44 25.62
CA LEU E 110 36.71 -3.37 26.36
C LEU E 110 37.88 -3.64 25.43
N TRP E 111 38.83 -2.70 25.35
CA TRP E 111 39.96 -2.80 24.43
C TRP E 111 41.25 -2.54 25.21
N GLY E 112 42.04 -3.60 25.39
CA GLY E 112 43.34 -3.48 26.02
C GLY E 112 44.30 -2.65 25.18
N ARG E 113 45.40 -2.22 25.78
CA ARG E 113 46.37 -1.39 25.05
C ARG E 113 46.99 -2.16 23.90
N GLY E 114 47.17 -3.46 24.05
CA GLY E 114 47.70 -4.30 22.99
C GLY E 114 49.12 -4.74 23.26
N THR E 115 49.75 -5.29 22.22
CA THR E 115 51.11 -5.79 22.32
C THR E 115 51.69 -5.86 20.92
N LEU E 116 52.79 -5.14 20.68
CA LEU E 116 53.46 -5.18 19.40
C LEU E 116 54.40 -6.37 19.31
N VAL E 117 54.29 -7.12 18.22
CA VAL E 117 55.14 -8.29 18.01
C VAL E 117 55.83 -8.16 16.65
N THR E 118 57.06 -7.64 16.67
CA THR E 118 57.81 -7.45 15.43
C THR E 118 58.56 -8.73 15.07
N VAL E 119 58.65 -8.99 13.77
CA VAL E 119 59.32 -10.18 13.25
C VAL E 119 60.33 -9.72 12.22
N SER E 120 61.62 -9.87 12.55
CA SER E 120 62.70 -9.50 11.65
C SER E 120 63.83 -10.51 11.76
N SER E 121 64.62 -10.61 10.69
CA SER E 121 65.72 -11.56 10.64
C SER E 121 67.00 -11.03 11.26
N ALA E 122 67.08 -9.73 11.50
CA ALA E 122 68.29 -9.14 12.06
C ALA E 122 68.49 -9.59 13.51
N SER E 123 69.74 -9.57 13.94
CA SER E 123 70.09 -9.96 15.30
C SER E 123 70.05 -8.75 16.23
N THR E 124 70.06 -9.04 17.53
CA THR E 124 70.02 -7.99 18.56
C THR E 124 71.40 -7.35 18.64
N LYS E 125 71.68 -6.48 17.67
CA LYS E 125 72.96 -5.80 17.60
C LYS E 125 72.89 -4.44 18.28
N GLY E 126 73.95 -4.08 18.98
CA GLY E 126 74.03 -2.81 19.66
C GLY E 126 74.03 -1.64 18.71
N PRO E 127 73.73 -0.45 19.22
CA PRO E 127 73.66 0.73 18.35
C PRO E 127 75.02 1.39 18.14
N SER E 128 75.27 1.76 16.89
CA SER E 128 76.46 2.52 16.54
C SER E 128 76.16 4.01 16.70
N VAL E 129 76.80 4.62 17.69
CA VAL E 129 76.51 5.99 18.10
C VAL E 129 77.47 6.95 17.42
N PHE E 130 76.92 7.99 16.79
CA PHE E 130 77.71 9.03 16.16
C PHE E 130 77.06 10.37 16.44
N PRO E 131 77.85 11.42 16.69
CA PRO E 131 77.29 12.75 16.87
C PRO E 131 76.98 13.43 15.55
N LEU E 132 76.04 14.38 15.60
CA LEU E 132 75.63 15.15 14.43
C LEU E 132 76.16 16.56 14.59
N ALA E 133 77.17 16.90 13.78
CA ALA E 133 77.83 18.19 13.83
C ALA E 133 77.39 19.06 12.66
N PRO E 134 77.23 20.37 12.86
CA PRO E 134 76.80 21.25 11.77
C PRO E 134 77.99 21.67 10.90
N SER E 135 77.95 21.28 9.63
CA SER E 135 78.96 21.75 8.68
C SER E 135 78.98 23.26 8.63
N SER E 136 77.85 23.87 8.24
CA SER E 136 77.68 25.30 8.37
C SER E 136 77.14 25.62 9.76
N LYS E 137 77.64 26.71 10.34
CA LYS E 137 77.22 27.09 11.68
C LYS E 137 75.75 27.50 11.70
N SER E 138 75.23 27.73 12.90
CA SER E 138 73.84 28.12 13.07
C SER E 138 73.54 29.40 12.31
N THR E 139 72.40 29.41 11.62
CA THR E 139 72.01 30.58 10.83
C THR E 139 71.84 31.80 11.72
N SER E 140 72.08 32.98 11.15
CA SER E 140 71.98 34.22 11.90
C SER E 140 70.55 34.45 12.36
N GLY E 141 70.38 34.71 13.65
CA GLY E 141 69.07 34.94 14.23
C GLY E 141 68.21 33.71 14.41
N GLY E 142 68.58 32.57 13.80
CA GLY E 142 67.80 31.37 13.90
C GLY E 142 68.40 30.37 14.87
N THR E 143 67.56 29.46 15.35
CA THR E 143 67.98 28.42 16.28
C THR E 143 68.60 27.26 15.52
N ALA E 144 69.49 26.54 16.20
CA ALA E 144 70.17 25.39 15.60
C ALA E 144 69.45 24.10 15.98
N ALA E 145 69.95 22.97 15.48
CA ALA E 145 69.36 21.67 15.79
C ALA E 145 70.38 20.59 15.51
N LEU E 146 70.81 19.88 16.55
CA LEU E 146 71.76 18.79 16.41
C LEU E 146 71.23 17.56 17.14
N GLY E 147 71.86 16.43 16.89
CA GLY E 147 71.45 15.19 17.52
C GLY E 147 72.46 14.07 17.39
N CYS E 148 71.96 12.83 17.34
CA CYS E 148 72.80 11.65 17.22
C CYS E 148 72.21 10.72 16.18
N LEU E 149 73.06 10.24 15.27
CA LEU E 149 72.64 9.33 14.21
C LEU E 149 72.84 7.91 14.72
N VAL E 150 71.74 7.22 15.03
CA VAL E 150 71.78 5.86 15.55
C VAL E 150 71.64 4.93 14.34
N LYS E 151 72.75 4.31 13.95
CA LYS E 151 72.81 3.47 12.78
C LYS E 151 73.03 2.01 13.16
N ASP E 152 72.32 1.12 12.48
CA ASP E 152 72.50 -0.33 12.59
C ASP E 152 72.28 -0.80 14.03
N TYR E 153 71.04 -0.63 14.48
CA TYR E 153 70.61 -1.11 15.79
C TYR E 153 69.34 -1.91 15.63
N PHE E 154 69.12 -2.83 16.56
CA PHE E 154 67.96 -3.71 16.57
C PHE E 154 67.89 -4.47 17.88
N PRO E 155 66.69 -4.71 18.44
CA PRO E 155 65.40 -4.20 17.97
C PRO E 155 64.98 -2.91 18.66
N GLU E 156 63.70 -2.56 18.52
CA GLU E 156 63.08 -1.41 19.15
C GLU E 156 62.71 -1.73 20.59
N PRO E 157 62.55 -0.71 21.45
CA PRO E 157 62.73 0.72 21.20
C PRO E 157 64.06 1.25 21.74
N VAL E 158 64.38 2.50 21.38
CA VAL E 158 65.56 3.17 21.91
C VAL E 158 65.19 4.59 22.34
N THR E 159 65.28 4.86 23.64
CA THR E 159 65.07 6.21 24.15
C THR E 159 66.35 7.02 24.06
N VAL E 160 66.21 8.31 23.75
CA VAL E 160 67.33 9.21 23.57
C VAL E 160 67.15 10.40 24.49
N SER E 161 68.17 10.69 25.29
CA SER E 161 68.18 11.84 26.18
C SER E 161 69.30 12.80 25.77
N TRP E 162 69.47 13.86 26.54
CA TRP E 162 70.49 14.86 26.26
C TRP E 162 71.00 15.43 27.57
N ASN E 163 72.31 15.33 27.79
CA ASN E 163 72.95 15.81 29.02
C ASN E 163 72.34 15.18 30.26
N SER E 164 72.02 13.87 30.18
CA SER E 164 71.37 13.13 31.25
C SER E 164 70.10 13.83 31.72
N GLY E 165 69.23 14.11 30.76
CA GLY E 165 67.95 14.73 31.05
C GLY E 165 68.02 16.17 31.51
N ALA E 166 69.16 16.84 31.36
CA ALA E 166 69.27 18.23 31.78
C ALA E 166 68.76 19.20 30.73
N LEU E 167 68.68 18.79 29.47
CA LEU E 167 68.21 19.63 28.38
C LEU E 167 66.93 19.08 27.80
N THR E 168 65.88 19.90 27.84
CA THR E 168 64.58 19.48 27.28
C THR E 168 63.96 20.62 26.47
N SER E 169 64.77 21.42 25.80
CA SER E 169 64.29 22.55 24.99
C SER E 169 64.54 22.22 23.53
N GLY E 170 63.47 21.83 22.82
CA GLY E 170 63.55 21.54 21.42
C GLY E 170 63.86 20.10 21.06
N VAL E 171 63.71 19.17 22.00
CA VAL E 171 64.02 17.77 21.72
C VAL E 171 62.99 17.22 20.73
N HIS E 172 63.48 16.47 19.75
CA HIS E 172 62.62 15.87 18.73
C HIS E 172 63.08 14.44 18.47
N THR E 173 62.14 13.51 18.49
CA THR E 173 62.43 12.09 18.25
C THR E 173 61.62 11.63 17.05
N PHE E 174 62.32 11.29 15.97
CA PHE E 174 61.71 10.86 14.72
C PHE E 174 61.60 9.34 14.68
N PRO E 175 60.61 8.81 13.96
CA PRO E 175 60.44 7.36 13.91
C PRO E 175 61.65 6.67 13.30
N ALA E 176 61.78 5.38 13.62
CA ALA E 176 62.93 4.60 13.18
C ALA E 176 62.68 4.05 11.78
N VAL E 177 63.61 4.34 10.86
CA VAL E 177 63.51 3.84 9.50
C VAL E 177 63.95 2.38 9.49
N LEU E 178 63.66 1.69 8.39
CA LEU E 178 64.03 0.28 8.24
C LEU E 178 64.72 0.12 6.89
N GLN E 179 66.04 -0.12 6.92
CA GLN E 179 66.79 -0.32 5.70
C GLN E 179 66.60 -1.73 5.16
N SER E 180 67.21 -1.99 4.00
CA SER E 180 67.09 -3.30 3.37
C SER E 180 67.78 -4.39 4.20
N SER E 181 68.78 -4.03 4.98
CA SER E 181 69.51 -4.99 5.80
C SER E 181 68.72 -5.46 7.02
N GLY E 182 67.49 -4.98 7.22
CA GLY E 182 66.69 -5.38 8.36
C GLY E 182 67.01 -4.68 9.66
N LEU E 183 68.12 -3.97 9.74
CA LEU E 183 68.48 -3.26 10.96
C LEU E 183 67.82 -1.89 10.99
N TYR E 184 67.13 -1.60 12.08
CA TYR E 184 66.47 -0.30 12.24
C TYR E 184 67.52 0.79 12.42
N SER E 185 67.16 2.00 11.98
CA SER E 185 68.01 3.17 12.13
C SER E 185 67.17 4.34 12.61
N LEU E 186 67.72 5.11 13.54
CA LEU E 186 67.01 6.22 14.15
C LEU E 186 67.94 7.42 14.22
N SER E 187 67.34 8.62 14.20
CA SER E 187 68.13 9.84 14.29
C SER E 187 67.26 10.90 14.99
N SER E 188 67.50 11.10 16.28
CA SER E 188 66.81 12.13 17.06
C SER E 188 67.67 13.38 17.10
N VAL E 189 67.02 14.53 16.96
CA VAL E 189 67.71 15.81 16.92
C VAL E 189 66.97 16.79 17.81
N VAL E 190 67.69 17.42 18.73
CA VAL E 190 67.13 18.42 19.62
C VAL E 190 67.34 19.80 19.00
N THR E 191 66.29 20.61 18.99
CA THR E 191 66.38 21.98 18.47
C THR E 191 67.11 22.83 19.50
N VAL E 192 68.42 22.97 19.31
CA VAL E 192 69.27 23.67 20.28
C VAL E 192 69.27 25.16 19.99
N PRO E 193 69.09 26.02 21.00
CA PRO E 193 69.19 27.46 20.77
C PRO E 193 70.60 27.88 20.37
N SER E 194 70.70 28.73 19.34
CA SER E 194 72.01 29.17 18.88
C SER E 194 72.74 29.97 19.94
N SER E 195 72.01 30.54 20.89
CA SER E 195 72.65 31.33 21.94
C SER E 195 73.61 30.50 22.78
N SER E 196 73.42 29.19 22.82
CA SER E 196 74.26 28.28 23.59
C SER E 196 75.46 27.77 22.80
N LEU E 197 75.89 28.48 21.75
CA LEU E 197 77.02 28.01 20.95
C LEU E 197 78.31 28.10 21.74
N GLY E 198 79.15 27.07 21.61
CA GLY E 198 80.48 27.08 22.18
C GLY E 198 80.52 26.92 23.69
N THR E 199 79.83 27.82 24.40
CA THR E 199 79.88 27.84 25.86
C THR E 199 79.31 26.57 26.47
N GLN E 200 78.04 26.29 26.19
CA GLN E 200 77.36 25.13 26.77
C GLN E 200 77.65 23.89 25.94
N THR E 201 78.21 22.87 26.59
CA THR E 201 78.47 21.61 25.92
C THR E 201 77.18 20.79 25.84
N TYR E 202 77.23 19.73 25.03
CA TYR E 202 76.06 18.88 24.84
C TYR E 202 76.52 17.45 24.67
N ILE E 203 75.95 16.55 25.47
CA ILE E 203 76.30 15.13 25.44
C ILE E 203 75.01 14.34 25.25
N CYS E 204 74.94 13.56 24.18
CA CYS E 204 73.78 12.73 23.94
C CYS E 204 73.77 11.55 24.91
N ASN E 205 72.58 11.02 25.17
CA ASN E 205 72.39 9.91 26.10
C ASN E 205 71.43 8.92 25.44
N VAL E 206 71.98 7.94 24.75
CA VAL E 206 71.20 6.90 24.08
C VAL E 206 71.15 5.68 24.99
N ASN E 207 69.96 5.13 25.19
CA ASN E 207 69.75 3.95 26.00
C ASN E 207 69.16 2.85 25.10
N HIS E 208 69.94 1.81 24.85
CA HIS E 208 69.51 0.67 24.06
C HIS E 208 69.11 -0.45 25.02
N LYS E 209 67.82 -0.50 25.35
CA LYS E 209 67.34 -1.48 26.31
C LYS E 209 67.64 -2.94 25.93
N PRO E 210 67.52 -3.38 24.66
CA PRO E 210 67.83 -4.79 24.35
C PRO E 210 69.22 -5.24 24.78
N SER E 211 70.25 -4.52 24.33
CA SER E 211 71.63 -4.90 24.61
C SER E 211 72.23 -4.12 25.78
N ASN E 212 71.42 -3.33 26.47
CA ASN E 212 71.86 -2.54 27.62
C ASN E 212 73.04 -1.63 27.29
N THR E 213 73.12 -1.15 26.05
CA THR E 213 74.24 -0.33 25.59
C THR E 213 73.98 1.12 25.97
N LYS E 214 74.53 1.52 27.11
CA LYS E 214 74.46 2.92 27.57
C LYS E 214 75.74 3.62 27.11
N VAL E 215 75.60 4.54 26.16
CA VAL E 215 76.74 5.22 25.55
C VAL E 215 76.45 6.71 25.49
N ASP E 216 77.36 7.52 26.02
CA ASP E 216 77.27 8.98 25.95
C ASP E 216 78.28 9.48 24.93
N LYS E 217 77.83 10.35 24.03
CA LYS E 217 78.64 10.84 22.93
C LYS E 217 78.72 12.35 22.98
N LYS E 218 79.92 12.89 22.81
CA LYS E 218 80.12 14.32 22.74
C LYS E 218 79.99 14.81 21.29
N VAL E 219 79.47 16.01 21.14
CA VAL E 219 79.24 16.62 19.82
C VAL E 219 79.95 17.96 19.78
N GLU E 220 80.65 18.23 18.67
CA GLU E 220 81.34 19.48 18.45
C GLU E 220 81.35 19.77 16.96
N PRO E 221 81.28 21.04 16.56
CA PRO E 221 81.33 21.37 15.13
C PRO E 221 82.74 21.22 14.55
N LYS E 222 82.89 21.60 13.29
CA LYS E 222 84.19 21.51 12.61
C LYS E 222 85.21 22.43 13.28
#